data_4JLQ
#
_entry.id   4JLQ
#
_cell.length_a   132.234
_cell.length_b   172.383
_cell.length_c   68.443
_cell.angle_alpha   90.000
_cell.angle_beta   90.000
_cell.angle_gamma   90.000
#
_symmetry.space_group_name_H-M   'P 21 21 2'
#
loop_
_entity.id
_entity.type
_entity.pdbx_description
1 polymer Transportin-1
2 polymer 'Nuclear polyadenylated RNA-binding protein NAB2'
#
loop_
_entity_poly.entity_id
_entity_poly.type
_entity_poly.pdbx_seq_one_letter_code
_entity_poly.pdbx_strand_id
1 'polypeptide(L)'
;MEYEWKPDEQGLQQILQLLKESQSPDTTIQRTVQQKLEQLNQYPDFNNYLIFVLTKLKSEDEPTRSLSGLILKNNVKAHF
QNFPNGVTDFIKSECLNNIGDSSPLIRATVGILITTIASKGELQNWPDLLPKLCSLLDSEDYNTCEGAFGALQKICEDSA
EILDSDVLDRPLNIMIPKFLQFFKHSSPKIRSHAVACVNQFIISRTQALMLHIDSFIENLFALAGDEEPEVRKNVCRALV
MLLEVRMDRLLPHMHNIVEYMLQRTQDQDENVALEACEFWLTLAEQPICKDVLVRHLPKLIPVLVNGMKYSDIDIILLKG
DVEGGSGGSGDDTISDWNLRKCSAAALDVLANVYRDELLPHILPLLKELLFHHEWVVKESGILVLGAIAEGCMQGMIPYL
PELIPHLIQCLSDKKALVRSITCWTLSRYAHWVVSQPPDTYLKPLMTELLKRILDSNKRVQEAACSAFATLEEEACTELV
PYLAYILDTLVFAFSKYQHKNLLILYDAIGTLADSVGHHLNKPEYIQMLMPPLIQKWNMLKDEDKDLFPLLECLSSVATA
LQSGFLPYCEPVYQRCVNLVQKTLAQAMLNNAQPDQYEAPDKDFMIVALDLLSGLAEGLGGNIEQLVARSNILTLMYQCM
QDKMPEVRQSSFALLGDLTKACFQHVKPCIADFMPILGTNLNPEFISVCNNATWAIGEISIQMGIEMQPYIPMVLHQLVE
IINRPNTPKTLLENTAITIGRLGYVCPQEVAPMLQQFIRPWCTSLRNIRDNEEKDSAFRGICTMISVNPSGVIQDFIFFC
DAVASWINPKDDLRDMFCKILHGFKNQVGDENWRRFSDQFPLPLKERLAAFYGV
;
A
2 'polypeptide(L)' RFTQRGGGAVGKNRRGGRGGNRGGRNNNSTRFNPLAKA B
#
# COMPACT_ATOMS: atom_id res chain seq x y z
N GLU A 4 38.29 -44.79 -2.61
CA GLU A 4 37.23 -44.63 -3.64
C GLU A 4 35.87 -45.05 -3.07
N TRP A 5 34.82 -44.87 -3.87
CA TRP A 5 33.49 -45.48 -3.66
C TRP A 5 33.13 -46.22 -4.95
N LYS A 6 32.74 -47.49 -4.86
CA LYS A 6 32.32 -48.29 -6.03
C LYS A 6 30.82 -48.56 -5.93
N PRO A 7 30.09 -48.47 -7.05
CA PRO A 7 28.66 -48.72 -6.99
C PRO A 7 28.34 -50.16 -7.38
N ASP A 8 27.27 -50.71 -6.84
CA ASP A 8 26.89 -52.07 -7.17
C ASP A 8 26.45 -52.17 -8.64
N GLU A 9 27.36 -52.66 -9.49
CA GLU A 9 27.10 -52.78 -10.95
C GLU A 9 25.77 -53.45 -11.33
N GLN A 10 25.33 -54.42 -10.53
CA GLN A 10 24.04 -55.11 -10.73
C GLN A 10 22.87 -54.13 -10.50
N GLY A 11 23.05 -53.20 -9.56
CA GLY A 11 22.05 -52.18 -9.20
C GLY A 11 22.17 -50.88 -9.97
N LEU A 12 23.30 -50.69 -10.65
CA LEU A 12 23.54 -49.55 -11.49
C LEU A 12 22.98 -49.74 -12.89
N GLN A 13 23.03 -50.97 -13.41
CA GLN A 13 22.36 -51.28 -14.68
C GLN A 13 20.88 -51.04 -14.50
N GLN A 14 20.44 -51.14 -13.24
CA GLN A 14 19.04 -50.93 -12.89
C GLN A 14 18.65 -49.46 -12.99
N ILE A 15 19.47 -48.59 -12.41
CA ILE A 15 19.25 -47.14 -12.48
C ILE A 15 19.30 -46.58 -13.92
N LEU A 16 20.34 -46.94 -14.66
CA LEU A 16 20.39 -46.59 -16.08
C LEU A 16 19.13 -46.95 -16.88
N GLN A 17 18.36 -47.98 -16.47
CA GLN A 17 17.08 -48.29 -17.15
C GLN A 17 16.05 -47.22 -16.84
N LEU A 18 15.85 -46.97 -15.56
CA LEU A 18 14.97 -45.89 -15.12
C LEU A 18 15.25 -44.59 -15.88
N LEU A 19 16.54 -44.27 -16.02
CA LEU A 19 16.95 -43.06 -16.72
C LEU A 19 16.66 -43.10 -18.23
N LYS A 20 16.67 -44.28 -18.85
CA LYS A 20 16.21 -44.43 -20.23
C LYS A 20 14.67 -44.30 -20.36
N GLU A 21 13.96 -44.71 -19.32
CA GLU A 21 12.49 -44.64 -19.34
C GLU A 21 12.00 -43.26 -19.01
N SER A 22 12.74 -42.48 -18.22
CA SER A 22 12.33 -41.10 -17.93
C SER A 22 12.30 -40.25 -19.20
N GLN A 23 13.10 -40.68 -20.18
CA GLN A 23 13.20 -40.07 -21.51
C GLN A 23 12.25 -40.68 -22.54
N SER A 24 11.33 -41.53 -22.11
CA SER A 24 10.36 -42.14 -23.01
C SER A 24 9.38 -41.07 -23.47
N PRO A 25 8.95 -41.10 -24.75
CA PRO A 25 7.89 -40.21 -25.22
C PRO A 25 6.60 -40.47 -24.47
N ASP A 26 6.29 -41.75 -24.29
CA ASP A 26 5.00 -42.18 -23.73
C ASP A 26 4.69 -41.61 -22.36
N THR A 27 3.77 -40.67 -22.36
CA THR A 27 3.26 -40.00 -21.18
C THR A 27 3.03 -40.90 -19.94
N THR A 28 2.49 -42.11 -20.12
CA THR A 28 2.09 -42.92 -18.96
C THR A 28 3.20 -43.85 -18.46
N ILE A 29 4.21 -44.10 -19.31
CA ILE A 29 5.49 -44.68 -18.83
C ILE A 29 6.21 -43.70 -17.87
N GLN A 30 6.45 -42.49 -18.39
CA GLN A 30 7.01 -41.36 -17.65
C GLN A 30 6.33 -41.20 -16.31
N ARG A 31 5.00 -41.27 -16.32
CA ARG A 31 4.18 -41.18 -15.11
C ARG A 31 4.61 -42.17 -14.03
N THR A 32 4.64 -43.45 -14.39
CA THR A 32 4.87 -44.51 -13.43
C THR A 32 6.37 -44.71 -13.11
N VAL A 33 7.26 -44.29 -14.03
CA VAL A 33 8.72 -44.36 -13.77
C VAL A 33 9.17 -43.32 -12.76
N GLN A 34 8.55 -42.14 -12.80
CA GLN A 34 8.95 -41.05 -11.91
C GLN A 34 8.49 -41.33 -10.48
N GLN A 35 7.29 -41.90 -10.32
CA GLN A 35 6.79 -42.30 -9.00
C GLN A 35 7.68 -43.35 -8.31
N LYS A 36 8.44 -44.10 -9.11
CA LYS A 36 9.38 -45.08 -8.61
C LYS A 36 10.73 -44.47 -8.26
N LEU A 37 11.12 -43.42 -8.98
CA LEU A 37 12.36 -42.69 -8.69
C LEU A 37 12.17 -41.87 -7.45
N GLU A 38 10.96 -41.36 -7.25
CA GLU A 38 10.59 -40.75 -5.99
C GLU A 38 10.75 -41.82 -4.92
N GLN A 39 10.33 -43.04 -5.23
CA GLN A 39 10.39 -44.09 -4.24
C GLN A 39 11.79 -44.25 -3.70
N LEU A 40 12.80 -44.27 -4.56
CA LEU A 40 14.17 -44.58 -4.12
C LEU A 40 14.81 -43.55 -3.15
N ASN A 41 14.36 -42.29 -3.22
CA ASN A 41 14.78 -41.25 -2.27
C ASN A 41 14.80 -41.75 -0.85
N GLN A 42 13.72 -42.44 -0.48
CA GLN A 42 13.60 -43.13 0.82
C GLN A 42 14.94 -43.69 1.33
N TYR A 43 15.80 -44.16 0.40
CA TYR A 43 17.10 -44.76 0.77
C TYR A 43 18.33 -43.98 0.28
N PRO A 44 19.36 -43.93 1.13
CA PRO A 44 20.42 -42.91 1.23
C PRO A 44 21.49 -42.92 0.16
N ASP A 45 22.05 -44.09 -0.16
CA ASP A 45 23.16 -44.18 -1.13
C ASP A 45 22.75 -43.74 -2.52
N PHE A 46 21.47 -43.89 -2.79
CA PHE A 46 20.92 -43.73 -4.12
C PHE A 46 21.48 -42.51 -4.83
N ASN A 47 21.57 -41.39 -4.11
CA ASN A 47 22.08 -40.17 -4.69
C ASN A 47 23.55 -40.24 -5.12
N ASN A 48 24.32 -41.12 -4.49
CA ASN A 48 25.68 -41.44 -4.95
C ASN A 48 25.73 -42.07 -6.30
N TYR A 49 24.70 -42.80 -6.70
CA TYR A 49 24.69 -43.43 -8.01
C TYR A 49 24.45 -42.35 -9.07
N LEU A 50 23.71 -41.29 -8.71
CA LEU A 50 23.33 -40.26 -9.68
C LEU A 50 24.52 -39.38 -10.03
N ILE A 51 25.14 -38.78 -9.03
CA ILE A 51 26.33 -37.96 -9.27
C ILE A 51 27.37 -38.76 -10.04
N PHE A 52 27.37 -40.08 -9.84
CA PHE A 52 28.33 -41.00 -10.44
C PHE A 52 28.05 -41.21 -11.93
N VAL A 53 26.77 -41.36 -12.28
CA VAL A 53 26.38 -41.52 -13.68
C VAL A 53 26.77 -40.27 -14.44
N LEU A 54 26.54 -39.14 -13.79
CA LEU A 54 26.80 -37.85 -14.37
C LEU A 54 28.28 -37.72 -14.66
N THR A 55 29.10 -37.70 -13.60
CA THR A 55 30.50 -37.32 -13.71
C THR A 55 31.49 -38.41 -14.08
N LYS A 56 31.17 -39.67 -13.86
CA LYS A 56 32.17 -40.75 -14.08
C LYS A 56 31.87 -41.69 -15.24
N LEU A 57 30.61 -41.94 -15.53
CA LEU A 57 30.25 -42.90 -16.57
C LEU A 57 30.29 -42.36 -18.03
N LYS A 58 31.48 -42.09 -18.57
CA LYS A 58 31.62 -41.62 -19.96
C LYS A 58 31.12 -42.59 -21.05
N SER A 59 30.83 -43.84 -20.69
CA SER A 59 30.22 -44.79 -21.63
C SER A 59 28.71 -44.52 -21.84
N GLU A 60 28.24 -43.34 -21.43
CA GLU A 60 26.82 -42.98 -21.49
C GLU A 60 26.53 -41.70 -22.30
N ASP A 61 25.46 -41.81 -23.05
CA ASP A 61 24.63 -40.72 -23.54
C ASP A 61 24.63 -39.46 -22.64
N GLU A 62 24.97 -38.30 -23.21
CA GLU A 62 25.03 -37.01 -22.46
C GLU A 62 23.67 -36.59 -21.86
N PRO A 63 22.58 -36.72 -22.63
CA PRO A 63 21.24 -36.42 -22.09
C PRO A 63 20.88 -37.28 -20.89
N THR A 64 21.32 -38.54 -20.92
CA THR A 64 21.16 -39.46 -19.79
C THR A 64 21.98 -39.03 -18.59
N ARG A 65 23.17 -38.53 -18.85
CA ARG A 65 24.04 -38.07 -17.78
C ARG A 65 23.52 -36.80 -17.15
N SER A 66 23.20 -35.81 -18.00
CA SER A 66 22.64 -34.53 -17.54
C SER A 66 21.33 -34.78 -16.78
N LEU A 67 20.51 -35.71 -17.30
CA LEU A 67 19.26 -36.03 -16.64
C LEU A 67 19.49 -36.60 -15.22
N SER A 68 20.46 -37.48 -15.07
CA SER A 68 20.81 -37.95 -13.74
C SER A 68 21.13 -36.79 -12.76
N GLY A 69 21.94 -35.84 -13.23
CA GLY A 69 22.34 -34.72 -12.40
C GLY A 69 21.16 -33.84 -12.02
N LEU A 70 20.21 -33.73 -12.94
CA LEU A 70 19.04 -32.87 -12.72
C LEU A 70 18.08 -33.54 -11.77
N ILE A 71 17.97 -34.85 -11.90
CA ILE A 71 17.18 -35.62 -10.95
C ILE A 71 17.79 -35.50 -9.57
N LEU A 72 19.10 -35.68 -9.48
CA LEU A 72 19.81 -35.50 -8.22
C LEU A 72 19.53 -34.12 -7.68
N LYS A 73 19.66 -33.14 -8.58
CA LYS A 73 19.47 -31.75 -8.23
C LYS A 73 18.10 -31.54 -7.55
N ASN A 74 17.05 -32.08 -8.17
CA ASN A 74 15.70 -31.98 -7.61
C ASN A 74 15.56 -32.66 -6.25
N ASN A 75 16.37 -33.71 -6.03
CA ASN A 75 16.42 -34.38 -4.73
C ASN A 75 17.20 -33.56 -3.72
N VAL A 76 17.96 -32.59 -4.17
CA VAL A 76 18.56 -31.67 -3.21
C VAL A 76 17.51 -30.65 -2.78
N LYS A 77 16.58 -30.27 -3.67
CA LYS A 77 15.59 -29.22 -3.35
C LYS A 77 14.59 -29.68 -2.32
N ALA A 78 13.97 -30.84 -2.58
CA ALA A 78 13.26 -31.62 -1.56
C ALA A 78 14.29 -32.56 -0.97
N HIS A 79 14.21 -32.87 0.32
CA HIS A 79 15.05 -33.93 0.95
C HIS A 79 16.55 -33.66 1.10
N PHE A 80 17.01 -32.46 1.40
CA PHE A 80 18.46 -32.31 1.63
C PHE A 80 18.79 -32.54 3.11
N GLN A 81 17.82 -32.39 4.00
CA GLN A 81 18.03 -32.71 5.42
C GLN A 81 18.32 -34.20 5.55
N ASN A 82 17.74 -34.97 4.63
CA ASN A 82 17.90 -36.42 4.62
C ASN A 82 19.19 -36.92 3.96
N PHE A 83 19.97 -36.01 3.38
CA PHE A 83 21.25 -36.41 2.79
C PHE A 83 22.28 -36.83 3.84
N PRO A 84 22.81 -38.07 3.69
CA PRO A 84 23.98 -38.48 4.46
C PRO A 84 25.18 -37.60 4.15
N ASN A 85 25.90 -37.17 5.17
CA ASN A 85 27.09 -36.34 4.98
C ASN A 85 28.25 -36.94 4.17
N GLY A 86 28.20 -38.23 3.87
CA GLY A 86 29.19 -38.83 3.00
C GLY A 86 28.77 -38.76 1.55
N VAL A 87 27.48 -38.97 1.30
CA VAL A 87 26.89 -38.80 -0.02
C VAL A 87 27.12 -37.34 -0.46
N THR A 88 26.58 -36.42 0.34
CA THR A 88 26.90 -34.99 0.26
C THR A 88 28.37 -34.73 -0.13
N ASP A 89 29.30 -35.13 0.72
CA ASP A 89 30.70 -34.77 0.53
C ASP A 89 31.30 -35.40 -0.71
N PHE A 90 30.82 -36.58 -1.09
CA PHE A 90 31.20 -37.18 -2.36
C PHE A 90 30.75 -36.28 -3.52
N ILE A 91 29.49 -35.85 -3.47
CA ILE A 91 28.90 -34.95 -4.45
C ILE A 91 29.68 -33.63 -4.57
N LYS A 92 29.76 -32.92 -3.46
CA LYS A 92 30.42 -31.61 -3.42
C LYS A 92 31.79 -31.65 -4.09
N SER A 93 32.63 -32.59 -3.67
CA SER A 93 33.94 -32.79 -4.29
C SER A 93 33.84 -33.19 -5.77
N GLU A 94 32.86 -34.01 -6.11
CA GLU A 94 32.77 -34.56 -7.47
C GLU A 94 32.26 -33.51 -8.45
N CYS A 95 31.42 -32.60 -7.95
CA CYS A 95 31.01 -31.43 -8.73
C CYS A 95 32.22 -30.58 -9.08
N LEU A 96 32.86 -30.00 -8.07
CA LEU A 96 34.06 -29.17 -8.31
C LEU A 96 35.19 -29.76 -9.18
N ASN A 97 35.39 -31.08 -9.24
CA ASN A 97 36.38 -31.61 -10.19
C ASN A 97 35.94 -31.49 -11.63
N ASN A 98 34.62 -31.45 -11.84
CA ASN A 98 34.04 -31.35 -13.17
C ASN A 98 33.29 -30.04 -13.46
N ILE A 99 33.54 -29.00 -12.66
CA ILE A 99 32.94 -27.67 -12.90
C ILE A 99 33.24 -27.08 -14.27
N GLY A 100 34.29 -27.56 -14.93
CA GLY A 100 34.67 -27.04 -16.24
C GLY A 100 34.67 -28.11 -17.29
N ASP A 101 33.74 -29.06 -17.19
CA ASP A 101 33.72 -30.17 -18.15
C ASP A 101 33.72 -29.71 -19.61
N SER A 102 34.32 -30.49 -20.50
CA SER A 102 34.37 -30.08 -21.90
C SER A 102 32.96 -30.02 -22.55
N SER A 103 32.00 -30.80 -22.06
CA SER A 103 30.65 -30.73 -22.61
C SER A 103 29.81 -29.62 -21.98
N PRO A 104 29.31 -28.66 -22.79
CA PRO A 104 28.50 -27.58 -22.24
C PRO A 104 27.17 -28.03 -21.59
N LEU A 105 26.58 -29.10 -22.08
CA LEU A 105 25.40 -29.62 -21.38
C LEU A 105 25.77 -30.15 -19.98
N ILE A 106 26.81 -30.97 -19.90
CA ILE A 106 27.31 -31.45 -18.60
C ILE A 106 27.71 -30.26 -17.68
N ARG A 107 28.45 -29.32 -18.24
CA ARG A 107 28.94 -28.21 -17.44
C ARG A 107 27.80 -27.39 -16.86
N ALA A 108 26.72 -27.20 -17.64
CA ALA A 108 25.47 -26.57 -17.14
C ALA A 108 24.88 -27.31 -15.95
N THR A 109 24.75 -28.63 -16.13
CA THR A 109 24.23 -29.52 -15.11
C THR A 109 25.06 -29.53 -13.84
N VAL A 110 26.36 -29.75 -14.01
CA VAL A 110 27.21 -29.68 -12.86
C VAL A 110 27.04 -28.33 -12.16
N GLY A 111 26.93 -27.26 -12.95
CA GLY A 111 26.87 -25.93 -12.39
C GLY A 111 25.58 -25.69 -11.60
N ILE A 112 24.50 -26.31 -12.08
CA ILE A 112 23.19 -26.06 -11.47
C ILE A 112 23.17 -26.77 -10.12
N LEU A 113 23.75 -27.98 -10.08
CA LEU A 113 23.94 -28.70 -8.81
C LEU A 113 24.64 -27.87 -7.77
N ILE A 114 25.82 -27.40 -8.12
CA ILE A 114 26.65 -26.63 -7.21
C ILE A 114 25.86 -25.49 -6.58
N THR A 115 25.25 -24.66 -7.42
CA THR A 115 24.54 -23.48 -6.93
C THR A 115 23.34 -23.87 -6.10
N THR A 116 22.67 -24.96 -6.49
CA THR A 116 21.55 -25.51 -5.74
C THR A 116 21.92 -26.10 -4.36
N ILE A 117 22.96 -26.92 -4.32
CA ILE A 117 23.52 -27.37 -3.04
C ILE A 117 23.98 -26.23 -2.15
N ALA A 118 24.56 -25.21 -2.77
CA ALA A 118 25.06 -24.07 -2.04
C ALA A 118 23.90 -23.25 -1.51
N SER A 119 22.83 -23.19 -2.29
CA SER A 119 21.64 -22.44 -1.89
C SER A 119 20.81 -23.15 -0.79
N LYS A 120 20.51 -24.44 -0.99
CA LYS A 120 19.70 -25.20 -0.02
C LYS A 120 20.48 -25.50 1.24
N GLY A 121 21.56 -26.23 1.10
CA GLY A 121 22.44 -26.53 2.21
C GLY A 121 23.44 -25.42 2.31
N GLU A 122 23.16 -24.52 3.24
CA GLU A 122 23.66 -23.15 3.17
C GLU A 122 25.21 -23.01 3.01
N LEU A 123 25.67 -21.76 2.92
CA LEU A 123 27.07 -21.46 2.57
C LEU A 123 28.09 -21.67 3.67
N GLN A 124 27.69 -21.37 4.92
CA GLN A 124 28.56 -21.64 6.08
C GLN A 124 28.77 -23.13 6.28
N ASN A 125 27.90 -23.95 5.70
CA ASN A 125 28.10 -25.41 5.65
C ASN A 125 28.89 -25.92 4.43
N TRP A 126 29.35 -25.02 3.53
CA TRP A 126 30.26 -25.38 2.42
C TRP A 126 31.38 -24.36 2.30
N PRO A 127 32.15 -24.18 3.37
CA PRO A 127 32.96 -22.96 3.35
C PRO A 127 34.29 -23.13 2.56
N ASP A 128 34.50 -24.29 1.94
CA ASP A 128 35.63 -24.45 1.03
C ASP A 128 35.36 -23.81 -0.32
N LEU A 129 34.12 -23.40 -0.55
CA LEU A 129 33.62 -23.21 -1.90
C LEU A 129 34.00 -21.89 -2.50
N LEU A 130 33.75 -20.80 -1.78
CA LEU A 130 34.07 -19.49 -2.30
C LEU A 130 35.55 -19.38 -2.64
N PRO A 131 36.41 -19.49 -1.61
CA PRO A 131 37.85 -19.58 -1.82
C PRO A 131 38.20 -20.38 -3.06
N LYS A 132 37.58 -21.54 -3.20
CA LYS A 132 37.88 -22.45 -4.28
C LYS A 132 37.45 -21.88 -5.63
N LEU A 133 36.23 -21.35 -5.68
CA LEU A 133 35.70 -20.77 -6.89
C LEU A 133 36.54 -19.60 -7.32
N CYS A 134 36.90 -18.69 -6.40
CA CYS A 134 37.91 -17.62 -6.71
C CYS A 134 39.13 -18.18 -7.39
N SER A 135 39.94 -18.96 -6.68
CA SER A 135 41.14 -19.54 -7.28
C SER A 135 40.92 -20.08 -8.71
N LEU A 136 39.72 -20.60 -8.99
CA LEU A 136 39.39 -21.16 -10.30
C LEU A 136 39.14 -20.14 -11.40
N LEU A 137 38.91 -18.88 -11.04
CA LEU A 137 38.72 -17.83 -12.04
C LEU A 137 40.00 -17.64 -12.80
N ASP A 138 41.07 -17.64 -12.03
CA ASP A 138 42.42 -17.64 -12.57
C ASP A 138 42.73 -18.83 -13.48
N SER A 139 41.96 -19.91 -13.44
CA SER A 139 42.32 -21.06 -14.26
C SER A 139 42.67 -20.66 -15.68
N GLU A 140 43.67 -21.36 -16.20
CA GLU A 140 44.16 -21.16 -17.55
C GLU A 140 43.18 -21.78 -18.55
N ASP A 141 42.40 -22.77 -18.09
CA ASP A 141 41.36 -23.39 -18.90
C ASP A 141 40.14 -22.49 -18.94
N TYR A 142 39.67 -22.15 -20.14
CA TYR A 142 38.58 -21.19 -20.28
C TYR A 142 37.30 -21.73 -19.70
N ASN A 143 36.97 -22.96 -20.07
CA ASN A 143 35.75 -23.61 -19.61
C ASN A 143 35.69 -23.73 -18.09
N THR A 144 36.82 -23.85 -17.43
CA THR A 144 36.86 -23.83 -15.97
C THR A 144 36.53 -22.43 -15.45
N CYS A 145 37.04 -21.42 -16.13
CA CYS A 145 36.80 -20.03 -15.73
C CYS A 145 35.30 -19.67 -15.82
N GLU A 146 34.69 -20.02 -16.96
CA GLU A 146 33.29 -19.70 -17.25
C GLU A 146 32.39 -20.38 -16.23
N GLY A 147 32.65 -21.67 -16.02
CA GLY A 147 31.95 -22.47 -15.01
C GLY A 147 32.01 -21.85 -13.63
N ALA A 148 33.20 -21.60 -13.13
CA ALA A 148 33.37 -20.92 -11.86
C ALA A 148 32.53 -19.62 -11.79
N PHE A 149 32.56 -18.84 -12.85
CA PHE A 149 31.94 -17.52 -12.80
C PHE A 149 30.40 -17.60 -12.83
N GLY A 150 29.87 -18.48 -13.70
CA GLY A 150 28.43 -18.75 -13.74
C GLY A 150 27.87 -19.15 -12.39
N ALA A 151 28.59 -20.01 -11.68
CA ALA A 151 28.22 -20.40 -10.33
C ALA A 151 28.30 -19.24 -9.38
N LEU A 152 29.43 -18.54 -9.40
CA LEU A 152 29.57 -17.36 -8.56
C LEU A 152 28.47 -16.34 -8.78
N GLN A 153 28.02 -16.25 -10.04
CA GLN A 153 26.99 -15.32 -10.33
C GLN A 153 25.70 -15.65 -9.64
N LYS A 154 25.23 -16.91 -9.79
CA LYS A 154 23.98 -17.34 -9.14
C LYS A 154 24.14 -17.23 -7.64
N ILE A 155 25.35 -17.50 -7.15
CA ILE A 155 25.56 -17.38 -5.71
C ILE A 155 25.42 -15.95 -5.21
N CYS A 156 25.98 -14.97 -5.91
CA CYS A 156 25.82 -13.59 -5.49
C CYS A 156 24.35 -13.18 -5.54
N GLU A 157 23.63 -13.69 -6.53
CA GLU A 157 22.19 -13.40 -6.65
C GLU A 157 21.41 -13.95 -5.44
N ASP A 158 21.62 -15.23 -5.16
CA ASP A 158 20.93 -15.93 -4.05
C ASP A 158 21.36 -15.44 -2.67
N SER A 159 22.64 -15.17 -2.49
CA SER A 159 23.22 -15.07 -1.14
C SER A 159 23.89 -13.74 -0.83
N ALA A 160 23.41 -12.65 -1.40
CA ALA A 160 24.12 -11.38 -1.33
C ALA A 160 24.25 -10.88 0.09
N GLU A 161 23.25 -11.14 0.94
CA GLU A 161 23.27 -10.60 2.32
C GLU A 161 24.22 -11.35 3.23
N ILE A 162 24.52 -12.60 2.88
CA ILE A 162 25.31 -13.51 3.72
C ILE A 162 26.80 -13.27 3.46
N LEU A 163 27.10 -12.97 2.19
CA LEU A 163 28.44 -12.60 1.76
C LEU A 163 28.85 -11.22 2.30
N ASP A 164 27.88 -10.31 2.35
CA ASP A 164 28.07 -9.00 2.99
C ASP A 164 27.86 -9.14 4.50
N SER A 165 28.63 -10.03 5.10
CA SER A 165 28.45 -10.42 6.49
C SER A 165 29.69 -11.18 6.93
N ASP A 166 29.89 -11.18 8.25
CA ASP A 166 31.04 -11.83 8.87
C ASP A 166 30.96 -13.35 8.82
N VAL A 167 29.74 -13.86 8.67
CA VAL A 167 29.44 -15.32 8.60
C VAL A 167 30.54 -16.11 7.88
N LEU A 168 31.13 -15.51 6.84
CA LEU A 168 32.10 -16.19 6.01
C LEU A 168 33.46 -15.49 6.04
N ASP A 169 33.59 -14.57 6.97
CA ASP A 169 34.72 -13.63 7.07
C ASP A 169 34.89 -12.79 5.81
N ARG A 170 33.97 -11.85 5.62
CA ARG A 170 34.07 -10.79 4.61
C ARG A 170 34.85 -11.24 3.39
N PRO A 171 34.28 -12.19 2.64
CA PRO A 171 35.01 -12.72 1.49
C PRO A 171 34.84 -11.79 0.30
N LEU A 172 33.97 -10.78 0.45
CA LEU A 172 33.76 -9.79 -0.60
C LEU A 172 34.98 -8.90 -0.80
N ASN A 173 35.64 -8.56 0.30
CA ASN A 173 36.79 -7.68 0.25
C ASN A 173 37.83 -8.21 -0.73
N ILE A 174 37.82 -9.50 -1.01
CA ILE A 174 38.81 -10.10 -1.92
C ILE A 174 38.24 -10.30 -3.31
N MET A 175 36.97 -10.71 -3.38
CA MET A 175 36.31 -11.08 -4.65
C MET A 175 35.87 -9.92 -5.52
N ILE A 176 35.39 -8.85 -4.90
CA ILE A 176 34.90 -7.70 -5.64
C ILE A 176 36.03 -7.07 -6.46
N PRO A 177 37.14 -6.71 -5.81
CA PRO A 177 38.29 -6.22 -6.57
C PRO A 177 38.76 -7.24 -7.59
N LYS A 178 38.61 -8.51 -7.23
CA LYS A 178 38.94 -9.58 -8.15
C LYS A 178 38.02 -9.50 -9.37
N PHE A 179 36.73 -9.25 -9.15
CA PHE A 179 35.76 -9.26 -10.27
C PHE A 179 36.02 -8.14 -11.24
N LEU A 180 36.24 -6.94 -10.68
CA LEU A 180 36.55 -5.71 -11.44
C LEU A 180 37.67 -5.95 -12.44
N GLN A 181 38.62 -6.78 -12.05
CA GLN A 181 39.65 -7.15 -12.98
C GLN A 181 39.04 -7.80 -14.20
N PHE A 182 38.02 -8.60 -14.04
CA PHE A 182 37.51 -9.38 -15.18
C PHE A 182 36.57 -8.68 -16.16
N PHE A 183 36.31 -7.39 -15.95
CA PHE A 183 35.57 -6.61 -16.94
C PHE A 183 36.37 -6.51 -18.24
N LYS A 184 37.67 -6.80 -18.18
CA LYS A 184 38.57 -6.60 -19.33
C LYS A 184 38.70 -7.84 -20.18
N HIS A 185 38.04 -8.93 -19.84
CA HIS A 185 38.41 -10.26 -20.33
C HIS A 185 38.05 -10.41 -21.81
N SER A 186 38.80 -11.24 -22.52
CA SER A 186 38.49 -11.54 -23.94
C SER A 186 37.01 -11.84 -24.13
N SER A 187 36.54 -12.92 -23.51
CA SER A 187 35.16 -13.40 -23.60
C SER A 187 34.10 -12.40 -23.12
N PRO A 188 33.03 -12.25 -23.91
CA PRO A 188 31.89 -11.42 -23.48
C PRO A 188 31.03 -12.06 -22.37
N LYS A 189 30.99 -13.40 -22.32
CA LYS A 189 30.28 -14.09 -21.22
C LYS A 189 30.92 -13.78 -19.89
N ILE A 190 32.25 -13.91 -19.81
CA ILE A 190 32.96 -13.63 -18.56
C ILE A 190 32.82 -12.15 -18.17
N ARG A 191 32.78 -11.26 -19.16
CA ARG A 191 32.57 -9.85 -18.87
C ARG A 191 31.21 -9.65 -18.19
N SER A 192 30.16 -10.28 -18.73
CA SER A 192 28.80 -10.03 -18.25
C SER A 192 28.62 -10.60 -16.86
N HIS A 193 29.22 -11.76 -16.58
CA HIS A 193 29.19 -12.37 -15.23
C HIS A 193 29.77 -11.44 -14.16
N ALA A 194 30.84 -10.77 -14.56
CA ALA A 194 31.63 -10.00 -13.66
C ALA A 194 30.79 -8.85 -13.26
N VAL A 195 30.17 -8.19 -14.23
CA VAL A 195 29.36 -7.01 -13.93
C VAL A 195 28.16 -7.44 -13.07
N ALA A 196 27.57 -8.56 -13.46
CA ALA A 196 26.41 -9.12 -12.78
C ALA A 196 26.67 -9.29 -11.29
N CYS A 197 27.77 -9.99 -10.98
CA CYS A 197 28.16 -10.24 -9.60
C CYS A 197 28.27 -8.95 -8.84
N VAL A 198 29.00 -8.01 -9.41
CA VAL A 198 29.22 -6.75 -8.73
C VAL A 198 27.92 -5.99 -8.48
N ASN A 199 26.97 -6.03 -9.42
CA ASN A 199 25.74 -5.22 -9.26
C ASN A 199 24.95 -5.59 -8.01
N GLN A 200 25.04 -6.85 -7.58
CA GLN A 200 24.40 -7.25 -6.33
C GLN A 200 24.76 -6.37 -5.14
N PHE A 201 25.99 -5.88 -5.14
CA PHE A 201 26.52 -5.25 -3.97
C PHE A 201 26.50 -3.73 -4.02
N ILE A 202 25.97 -3.19 -5.11
CA ILE A 202 25.85 -1.73 -5.25
C ILE A 202 24.88 -1.11 -4.28
N ILE A 203 23.65 -1.62 -4.26
CA ILE A 203 22.57 -0.98 -3.52
C ILE A 203 22.74 -1.16 -2.02
N SER A 204 23.37 -2.27 -1.61
CA SER A 204 23.72 -2.49 -0.21
C SER A 204 24.87 -1.58 0.28
N ARG A 205 25.44 -0.81 -0.63
CA ARG A 205 26.61 -0.01 -0.34
C ARG A 205 27.73 -0.81 0.31
N THR A 206 27.90 -2.03 -0.16
CA THR A 206 28.94 -2.91 0.32
C THR A 206 30.29 -2.21 0.32
N GLN A 207 30.93 -2.24 1.49
CA GLN A 207 32.19 -1.58 1.76
C GLN A 207 33.23 -1.84 0.69
N ALA A 208 33.48 -3.11 0.39
CA ALA A 208 34.50 -3.46 -0.63
C ALA A 208 34.34 -2.73 -1.94
N LEU A 209 33.09 -2.49 -2.32
CA LEU A 209 32.79 -1.83 -3.59
C LEU A 209 32.79 -0.29 -3.50
N MET A 210 32.19 0.28 -2.46
CA MET A 210 32.19 1.75 -2.30
C MET A 210 33.59 2.34 -2.32
N LEU A 211 34.56 1.63 -1.75
CA LEU A 211 35.93 2.09 -1.74
C LEU A 211 36.62 1.95 -3.09
N HIS A 212 36.15 1.06 -3.96
CA HIS A 212 36.75 0.89 -5.27
C HIS A 212 35.88 1.46 -6.36
N ILE A 213 35.02 2.40 -5.95
CA ILE A 213 34.00 2.89 -6.84
C ILE A 213 34.62 3.39 -8.13
N ASP A 214 35.71 4.13 -8.03
CA ASP A 214 36.29 4.72 -9.21
C ASP A 214 36.75 3.65 -10.18
N SER A 215 37.40 2.57 -9.73
CA SER A 215 37.78 1.46 -10.65
C SER A 215 36.54 0.98 -11.36
N PHE A 216 35.45 0.82 -10.58
CA PHE A 216 34.17 0.30 -11.04
C PHE A 216 33.63 1.15 -12.18
N ILE A 217 33.38 2.42 -11.87
CA ILE A 217 32.91 3.37 -12.86
C ILE A 217 33.79 3.48 -14.13
N GLU A 218 35.08 3.77 -13.99
CA GLU A 218 36.00 3.71 -15.15
C GLU A 218 35.82 2.41 -15.94
N ASN A 219 35.83 1.30 -15.23
CA ASN A 219 35.58 0.01 -15.87
C ASN A 219 34.22 -0.16 -16.57
N LEU A 220 33.14 0.39 -15.98
CA LEU A 220 31.82 0.42 -16.61
C LEU A 220 31.91 1.21 -17.88
N PHE A 221 32.36 2.45 -17.73
CA PHE A 221 32.46 3.38 -18.84
C PHE A 221 33.23 2.78 -19.99
N ALA A 222 34.27 2.03 -19.69
CA ALA A 222 35.01 1.33 -20.72
C ALA A 222 34.21 0.30 -21.47
N LEU A 223 33.07 -0.15 -20.96
CA LEU A 223 32.24 -1.13 -21.71
C LEU A 223 31.07 -0.48 -22.45
N ALA A 224 30.96 0.84 -22.35
CA ALA A 224 29.96 1.59 -23.08
C ALA A 224 29.65 0.91 -24.41
N GLY A 225 30.68 0.86 -25.26
CA GLY A 225 30.48 0.45 -26.64
C GLY A 225 30.48 -1.04 -26.92
N ASP A 226 29.95 -1.87 -26.03
CA ASP A 226 29.96 -3.30 -26.26
C ASP A 226 28.78 -3.75 -27.14
N GLU A 227 29.08 -4.60 -28.11
CA GLU A 227 28.06 -5.13 -29.01
C GLU A 227 27.08 -6.06 -28.29
N GLU A 228 27.49 -6.63 -27.15
CA GLU A 228 26.75 -7.74 -26.54
C GLU A 228 25.60 -7.34 -25.65
N PRO A 229 24.39 -7.83 -25.97
CA PRO A 229 23.24 -7.35 -25.21
C PRO A 229 23.38 -7.67 -23.75
N GLU A 230 23.84 -8.88 -23.43
CA GLU A 230 23.88 -9.28 -22.03
C GLU A 230 24.89 -8.41 -21.26
N VAL A 231 26.00 -8.05 -21.89
CA VAL A 231 26.86 -7.04 -21.28
C VAL A 231 26.15 -5.71 -21.10
N ARG A 232 25.54 -5.21 -22.16
CA ARG A 232 24.90 -3.90 -22.10
C ARG A 232 23.80 -3.82 -21.04
N LYS A 233 23.02 -4.90 -20.97
CA LYS A 233 21.93 -5.06 -20.01
C LYS A 233 22.48 -4.80 -18.62
N ASN A 234 23.59 -5.47 -18.33
CA ASN A 234 24.24 -5.37 -17.03
C ASN A 234 24.90 -4.02 -16.75
N VAL A 235 25.39 -3.35 -17.79
CA VAL A 235 25.89 -1.99 -17.62
C VAL A 235 24.74 -1.12 -17.20
N CYS A 236 23.65 -1.19 -17.96
CA CYS A 236 22.45 -0.40 -17.67
C CYS A 236 21.92 -0.60 -16.25
N ARG A 237 21.85 -1.86 -15.77
CA ARG A 237 21.40 -2.12 -14.40
C ARG A 237 22.32 -1.41 -13.40
N ALA A 238 23.62 -1.50 -13.71
CA ALA A 238 24.68 -0.93 -12.89
C ALA A 238 24.55 0.56 -12.73
N LEU A 239 24.37 1.25 -13.85
CA LEU A 239 24.12 2.70 -13.85
C LEU A 239 22.79 3.15 -13.21
N VAL A 240 21.74 2.35 -13.35
CA VAL A 240 20.49 2.66 -12.68
C VAL A 240 20.70 2.61 -11.16
N MET A 241 21.34 1.54 -10.67
CA MET A 241 21.52 1.42 -9.21
C MET A 241 22.42 2.50 -8.65
N LEU A 242 23.51 2.77 -9.38
CA LEU A 242 24.47 3.78 -8.92
C LEU A 242 23.76 5.07 -8.64
N LEU A 243 23.07 5.51 -9.66
CA LEU A 243 22.18 6.64 -9.57
C LEU A 243 21.49 6.82 -8.23
N GLU A 244 21.12 5.74 -7.57
CA GLU A 244 20.36 5.89 -6.33
C GLU A 244 21.29 6.13 -5.16
N VAL A 245 22.27 5.25 -4.99
CA VAL A 245 23.26 5.33 -3.91
C VAL A 245 24.38 6.37 -4.11
N ARG A 246 25.06 6.39 -5.25
CA ARG A 246 26.22 7.25 -5.43
C ARG A 246 26.00 8.21 -6.58
N MET A 247 25.02 9.09 -6.39
CA MET A 247 24.75 10.11 -7.38
C MET A 247 26.07 10.88 -7.67
N ASP A 248 26.64 11.45 -6.61
CA ASP A 248 27.83 12.28 -6.71
C ASP A 248 28.88 11.79 -7.71
N ARG A 249 29.33 10.55 -7.57
CA ARG A 249 30.41 10.09 -8.43
C ARG A 249 30.11 10.13 -9.89
N LEU A 250 28.85 10.09 -10.30
CA LEU A 250 28.59 10.16 -11.74
C LEU A 250 27.91 11.42 -12.25
N LEU A 251 27.52 12.33 -11.35
CA LEU A 251 27.01 13.65 -11.74
C LEU A 251 27.91 14.34 -12.79
N PRO A 252 29.21 14.52 -12.48
CA PRO A 252 30.18 14.96 -13.46
C PRO A 252 29.96 14.49 -14.88
N HIS A 253 29.69 13.20 -15.09
CA HIS A 253 29.57 12.65 -16.45
C HIS A 253 28.15 12.55 -16.97
N MET A 254 27.21 13.26 -16.32
CA MET A 254 25.80 13.00 -16.60
C MET A 254 25.42 12.99 -18.10
N HIS A 255 25.77 14.05 -18.79
CA HIS A 255 25.27 14.19 -20.13
C HIS A 255 25.74 13.03 -20.95
N ASN A 256 26.92 12.52 -20.65
CA ASN A 256 27.42 11.41 -21.45
C ASN A 256 26.61 10.15 -21.24
N ILE A 257 26.44 9.84 -19.97
CA ILE A 257 25.61 8.75 -19.48
C ILE A 257 24.22 8.83 -20.14
N VAL A 258 23.58 9.99 -20.00
CA VAL A 258 22.24 10.23 -20.50
C VAL A 258 22.10 9.95 -22.00
N GLU A 259 23.02 10.46 -22.80
CA GLU A 259 23.04 10.12 -24.23
C GLU A 259 23.20 8.65 -24.48
N TYR A 260 23.93 7.97 -23.60
CA TYR A 260 24.14 6.52 -23.70
C TYR A 260 22.80 5.81 -23.46
N MET A 261 22.07 6.26 -22.43
CA MET A 261 20.87 5.55 -22.00
C MET A 261 19.78 5.74 -23.04
N LEU A 262 19.56 6.98 -23.43
CA LEU A 262 18.76 7.33 -24.63
C LEU A 262 18.94 6.43 -25.87
N GLN A 263 20.17 5.97 -26.12
CA GLN A 263 20.47 5.02 -27.20
C GLN A 263 19.91 3.66 -26.88
N ARG A 264 20.06 3.31 -25.61
CA ARG A 264 19.78 1.97 -25.12
C ARG A 264 18.30 1.85 -24.99
N THR A 265 17.68 2.90 -24.47
CA THR A 265 16.22 3.02 -24.42
C THR A 265 15.59 2.72 -25.78
N GLN A 266 16.34 2.94 -26.86
CA GLN A 266 15.93 2.57 -28.23
C GLN A 266 16.48 1.28 -28.78
N ASP A 267 17.22 0.54 -27.97
CA ASP A 267 17.93 -0.66 -28.44
C ASP A 267 16.97 -1.67 -29.11
N GLN A 268 17.43 -2.31 -30.17
CA GLN A 268 16.65 -3.33 -30.90
C GLN A 268 16.04 -4.34 -29.93
N ASP A 269 16.93 -4.86 -29.07
CA ASP A 269 16.66 -5.89 -28.07
C ASP A 269 15.85 -5.38 -26.86
N GLU A 270 14.59 -5.80 -26.72
CA GLU A 270 13.70 -5.19 -25.71
C GLU A 270 14.17 -5.38 -24.24
N ASN A 271 15.00 -6.38 -23.92
CA ASN A 271 15.58 -6.53 -22.54
C ASN A 271 16.38 -5.32 -22.18
N VAL A 272 17.30 -4.97 -23.08
CA VAL A 272 18.20 -3.86 -22.88
C VAL A 272 17.36 -2.61 -22.77
N ALA A 273 16.46 -2.44 -23.75
CA ALA A 273 15.57 -1.29 -23.77
C ALA A 273 14.94 -1.02 -22.39
N LEU A 274 14.34 -2.06 -21.83
CA LEU A 274 13.58 -1.93 -20.62
C LEU A 274 14.47 -1.51 -19.50
N GLU A 275 15.67 -2.08 -19.46
CA GLU A 275 16.65 -1.81 -18.40
C GLU A 275 17.11 -0.38 -18.45
N ALA A 276 17.32 0.12 -19.67
CA ALA A 276 17.56 1.54 -19.91
C ALA A 276 16.42 2.40 -19.43
N CYS A 277 15.20 1.99 -19.76
CA CYS A 277 14.02 2.78 -19.45
C CYS A 277 13.87 3.08 -17.95
N GLU A 278 14.34 2.13 -17.14
CA GLU A 278 14.31 2.26 -15.69
C GLU A 278 15.07 3.46 -15.24
N PHE A 279 16.09 3.78 -16.02
CA PHE A 279 16.91 4.91 -15.78
C PHE A 279 16.06 6.15 -15.59
N TRP A 280 15.17 6.41 -16.56
CA TRP A 280 14.48 7.74 -16.65
C TRP A 280 13.60 7.90 -15.47
N LEU A 281 13.07 6.76 -15.09
CA LEU A 281 12.16 6.66 -14.01
C LEU A 281 12.86 6.91 -12.67
N THR A 282 14.01 6.30 -12.45
CA THR A 282 14.67 6.49 -11.15
C THR A 282 15.46 7.78 -11.15
N LEU A 283 15.83 8.26 -12.34
CA LEU A 283 16.45 9.59 -12.47
C LEU A 283 15.47 10.67 -12.05
N ALA A 284 14.21 10.49 -12.44
CA ALA A 284 13.20 11.50 -12.17
C ALA A 284 12.92 11.73 -10.70
N GLU A 285 13.30 10.81 -9.82
CA GLU A 285 13.04 10.99 -8.39
C GLU A 285 14.19 11.68 -7.65
N GLN A 286 15.05 12.35 -8.40
CA GLN A 286 16.29 12.90 -7.88
C GLN A 286 16.29 14.42 -7.92
N PRO A 287 16.38 15.08 -6.76
CA PRO A 287 16.26 16.55 -6.78
C PRO A 287 17.17 17.29 -7.81
N ILE A 288 18.33 16.75 -8.16
CA ILE A 288 19.19 17.39 -9.19
C ILE A 288 18.67 17.22 -10.61
N CYS A 289 17.74 16.27 -10.78
CA CYS A 289 17.18 15.87 -12.08
C CYS A 289 16.87 17.03 -13.00
N LYS A 290 15.96 17.87 -12.54
CA LYS A 290 15.30 18.84 -13.38
C LYS A 290 16.24 19.61 -14.35
N ASP A 291 17.46 19.92 -13.90
CA ASP A 291 18.39 20.73 -14.69
C ASP A 291 19.11 19.89 -15.73
N VAL A 292 19.75 18.81 -15.26
CA VAL A 292 20.54 17.94 -16.13
C VAL A 292 19.78 17.46 -17.36
N LEU A 293 18.49 17.29 -17.21
CA LEU A 293 17.73 16.51 -18.17
C LEU A 293 17.17 17.37 -19.29
N VAL A 294 16.73 18.58 -18.91
CA VAL A 294 15.96 19.48 -19.77
C VAL A 294 16.48 19.59 -21.21
N ARG A 295 17.78 19.83 -21.38
CA ARG A 295 18.40 19.72 -22.69
C ARG A 295 17.92 18.54 -23.55
N HIS A 296 17.60 17.40 -22.93
CA HIS A 296 17.33 16.18 -23.68
C HIS A 296 15.84 15.83 -23.81
N LEU A 297 14.96 16.47 -23.03
CA LEU A 297 13.53 16.23 -23.19
C LEU A 297 13.15 16.15 -24.64
N PRO A 298 13.64 17.09 -25.44
CA PRO A 298 13.35 16.99 -26.87
C PRO A 298 13.51 15.60 -27.46
N LYS A 299 14.62 14.95 -27.14
CA LYS A 299 14.99 13.69 -27.80
C LYS A 299 14.30 12.50 -27.12
N LEU A 300 14.07 12.65 -25.82
CA LEU A 300 13.57 11.61 -24.91
C LEU A 300 12.07 11.32 -25.07
N ILE A 301 11.26 12.34 -24.79
CA ILE A 301 9.82 12.23 -24.92
C ILE A 301 9.38 11.30 -26.07
N PRO A 302 9.74 11.60 -27.32
CA PRO A 302 9.34 10.64 -28.38
C PRO A 302 9.86 9.20 -28.27
N VAL A 303 10.95 8.98 -27.52
CA VAL A 303 11.49 7.62 -27.33
C VAL A 303 10.59 6.85 -26.42
N LEU A 304 10.23 7.50 -25.30
CA LEU A 304 9.19 7.04 -24.39
C LEU A 304 7.86 6.80 -25.10
N VAL A 305 7.33 7.83 -25.76
CA VAL A 305 6.04 7.73 -26.44
C VAL A 305 6.02 6.65 -27.48
N ASN A 306 7.12 6.51 -28.21
CA ASN A 306 7.17 5.43 -29.18
C ASN A 306 7.24 4.07 -28.49
N GLY A 307 7.75 4.03 -27.27
CA GLY A 307 7.78 2.80 -26.48
C GLY A 307 6.46 2.30 -25.95
N MET A 308 5.43 3.15 -26.01
CA MET A 308 4.13 2.87 -25.41
C MET A 308 3.11 2.18 -26.34
N LYS A 309 3.40 2.05 -27.62
CA LYS A 309 2.55 1.24 -28.49
C LYS A 309 2.58 -0.21 -28.04
N TYR A 310 1.45 -0.90 -28.08
CA TYR A 310 1.53 -2.35 -27.97
C TYR A 310 2.33 -2.90 -29.13
N SER A 311 3.14 -3.93 -28.88
CA SER A 311 3.74 -4.69 -29.98
C SER A 311 2.72 -5.60 -30.63
N ASP A 312 3.09 -6.20 -31.76
CA ASP A 312 2.15 -7.07 -32.50
C ASP A 312 1.87 -8.35 -31.72
N ILE A 313 2.90 -8.78 -31.01
CA ILE A 313 2.84 -9.95 -30.13
C ILE A 313 2.07 -9.68 -28.84
N ASP A 314 2.24 -8.50 -28.24
CA ASP A 314 1.45 -8.06 -27.05
C ASP A 314 -0.01 -8.28 -27.33
N ILE A 315 -0.46 -7.72 -28.45
CA ILE A 315 -1.84 -7.77 -28.92
C ILE A 315 -2.44 -9.17 -28.98
N ILE A 316 -1.64 -10.11 -29.46
CA ILE A 316 -2.09 -11.49 -29.61
C ILE A 316 -2.39 -12.19 -28.26
N LEU A 317 -1.60 -11.91 -27.24
CA LEU A 317 -1.74 -12.56 -25.94
C LEU A 317 -2.89 -11.96 -25.12
N LEU A 318 -3.34 -10.79 -25.58
CA LEU A 318 -4.40 -10.03 -24.94
C LEU A 318 -5.77 -10.33 -25.54
N LYS A 319 -5.82 -11.06 -26.66
CA LYS A 319 -7.07 -11.56 -27.19
C LYS A 319 -7.30 -12.93 -26.61
N GLY A 320 -8.16 -13.00 -25.60
CA GLY A 320 -8.38 -14.25 -24.85
C GLY A 320 -7.22 -14.57 -23.91
N ASP A 332 -3.38 -11.89 -15.17
CA ASP A 332 -3.22 -11.32 -16.54
C ASP A 332 -2.26 -12.13 -17.44
N THR A 333 -2.47 -12.09 -18.78
CA THR A 333 -1.71 -12.95 -19.75
C THR A 333 -0.42 -12.35 -20.28
N ILE A 334 0.21 -11.47 -19.50
CA ILE A 334 1.32 -10.67 -20.01
C ILE A 334 2.11 -10.08 -18.85
N SER A 335 3.40 -9.85 -19.08
CA SER A 335 4.31 -9.41 -18.02
C SER A 335 3.67 -8.26 -17.25
N ASP A 336 3.71 -8.30 -15.92
CA ASP A 336 3.24 -7.13 -15.15
C ASP A 336 4.17 -5.94 -15.26
N TRP A 337 5.37 -6.14 -15.80
CA TRP A 337 6.30 -5.06 -16.06
C TRP A 337 6.97 -5.22 -17.41
N ASN A 338 6.96 -4.15 -18.21
CA ASN A 338 7.48 -4.14 -19.58
C ASN A 338 7.74 -2.73 -20.05
N LEU A 339 8.37 -2.65 -21.21
CA LEU A 339 8.67 -1.35 -21.78
C LEU A 339 7.46 -0.40 -21.80
N ARG A 340 6.31 -0.87 -22.27
CA ARG A 340 5.11 -0.01 -22.27
C ARG A 340 4.85 0.58 -20.89
N LYS A 341 4.71 -0.26 -19.86
CA LYS A 341 4.42 0.28 -18.54
C LYS A 341 5.53 1.16 -18.06
N CYS A 342 6.77 0.83 -18.39
CA CYS A 342 7.86 1.54 -17.80
C CYS A 342 7.93 2.92 -18.41
N SER A 343 7.80 2.99 -19.74
CA SER A 343 7.88 4.26 -20.46
C SER A 343 6.74 5.11 -19.98
N ALA A 344 5.56 4.50 -19.91
CA ALA A 344 4.38 5.20 -19.50
C ALA A 344 4.52 5.76 -18.11
N ALA A 345 5.17 5.01 -17.22
CA ALA A 345 5.29 5.43 -15.81
C ALA A 345 6.28 6.54 -15.68
N ALA A 346 7.27 6.53 -16.58
CA ALA A 346 8.31 7.54 -16.64
C ALA A 346 7.69 8.84 -17.03
N LEU A 347 6.87 8.78 -18.06
CA LEU A 347 6.14 9.95 -18.50
C LEU A 347 5.32 10.54 -17.37
N ASP A 348 4.64 9.74 -16.55
CA ASP A 348 3.85 10.34 -15.47
C ASP A 348 4.77 11.14 -14.55
N VAL A 349 5.86 10.54 -14.09
CA VAL A 349 6.82 11.27 -13.18
C VAL A 349 7.40 12.52 -13.85
N LEU A 350 7.92 12.40 -15.06
CA LEU A 350 8.34 13.60 -15.78
C LEU A 350 7.29 14.73 -15.71
N ALA A 351 6.07 14.45 -16.12
CA ALA A 351 5.04 15.43 -16.11
C ALA A 351 4.76 16.03 -14.75
N ASN A 352 5.10 15.34 -13.68
CA ASN A 352 4.93 15.93 -12.35
C ASN A 352 6.09 16.79 -11.94
N VAL A 353 7.20 16.68 -12.65
CA VAL A 353 8.38 17.51 -12.41
C VAL A 353 8.32 18.75 -13.31
N TYR A 354 8.20 18.51 -14.61
CA TYR A 354 8.25 19.54 -15.62
C TYR A 354 6.92 20.24 -15.84
N ARG A 355 5.89 19.83 -15.12
CA ARG A 355 4.59 20.49 -15.23
C ARG A 355 4.22 20.77 -16.68
N ASP A 356 3.87 22.02 -17.00
CA ASP A 356 3.39 22.37 -18.33
C ASP A 356 4.58 22.55 -19.31
N GLU A 357 5.76 22.85 -18.78
CA GLU A 357 7.00 22.87 -19.59
C GLU A 357 7.16 21.66 -20.50
N LEU A 358 6.31 20.66 -20.31
CA LEU A 358 6.41 19.40 -21.04
C LEU A 358 5.59 19.39 -22.33
N LEU A 359 4.52 20.17 -22.33
CA LEU A 359 3.53 20.08 -23.41
C LEU A 359 4.09 20.39 -24.80
N PRO A 360 4.98 21.41 -24.89
CA PRO A 360 5.56 21.74 -26.18
C PRO A 360 6.26 20.54 -26.80
N HIS A 361 6.81 19.68 -25.95
CA HIS A 361 7.46 18.45 -26.43
C HIS A 361 6.48 17.33 -26.69
N ILE A 362 5.32 17.36 -26.02
CA ILE A 362 4.30 16.33 -26.26
C ILE A 362 3.19 16.72 -27.23
N LEU A 363 2.53 17.84 -26.96
CA LEU A 363 1.21 18.06 -27.55
C LEU A 363 1.09 17.73 -29.02
N PRO A 364 1.99 18.26 -29.86
CA PRO A 364 1.96 17.90 -31.26
C PRO A 364 1.97 16.41 -31.56
N LEU A 365 2.71 15.61 -30.79
CA LEU A 365 2.65 14.15 -30.96
C LEU A 365 1.24 13.68 -30.67
N LEU A 366 0.72 14.03 -29.49
CA LEU A 366 -0.64 13.65 -29.13
C LEU A 366 -1.55 13.95 -30.29
N LYS A 367 -1.49 15.18 -30.76
CA LYS A 367 -2.45 15.64 -31.72
C LYS A 367 -2.53 14.69 -32.88
N GLU A 368 -1.42 14.14 -33.33
CA GLU A 368 -1.49 13.20 -34.44
C GLU A 368 -1.64 11.73 -34.07
N LEU A 369 -1.46 11.40 -32.80
CA LEU A 369 -1.69 10.04 -32.35
C LEU A 369 -3.16 9.80 -32.09
N LEU A 370 -3.84 10.74 -31.44
CA LEU A 370 -5.23 10.52 -30.99
C LEU A 370 -6.14 10.32 -32.15
N PHE A 371 -5.82 11.00 -33.23
CA PHE A 371 -6.70 11.04 -34.37
C PHE A 371 -6.23 10.13 -35.47
N HIS A 372 -4.99 9.68 -35.37
CA HIS A 372 -4.42 8.66 -36.26
C HIS A 372 -5.39 7.52 -36.53
N HIS A 373 -5.24 6.89 -37.69
CA HIS A 373 -6.24 5.92 -38.19
C HIS A 373 -6.04 4.46 -37.75
N GLU A 374 -4.79 4.02 -37.53
CA GLU A 374 -4.50 2.70 -36.95
C GLU A 374 -4.65 2.72 -35.44
N TRP A 375 -5.30 1.71 -34.89
CA TRP A 375 -5.79 1.85 -33.54
C TRP A 375 -4.69 1.75 -32.51
N VAL A 376 -3.75 0.84 -32.71
CA VAL A 376 -2.63 0.72 -31.80
C VAL A 376 -1.96 2.05 -31.48
N VAL A 377 -1.92 2.90 -32.48
CA VAL A 377 -1.32 4.19 -32.37
C VAL A 377 -2.25 5.12 -31.63
N LYS A 378 -3.53 5.12 -32.00
CA LYS A 378 -4.52 5.94 -31.30
C LYS A 378 -4.55 5.55 -29.84
N GLU A 379 -4.48 4.26 -29.59
CA GLU A 379 -4.48 3.76 -28.25
C GLU A 379 -3.33 4.36 -27.40
N SER A 380 -2.10 4.24 -27.88
CA SER A 380 -0.95 4.83 -27.18
C SER A 380 -1.14 6.32 -27.01
N GLY A 381 -1.82 6.96 -27.95
CA GLY A 381 -2.18 8.37 -27.81
C GLY A 381 -2.97 8.60 -26.54
N ILE A 382 -3.97 7.78 -26.35
CA ILE A 382 -4.82 7.91 -25.17
C ILE A 382 -4.05 7.66 -23.86
N LEU A 383 -3.23 6.63 -23.85
CA LEU A 383 -2.43 6.34 -22.67
C LEU A 383 -1.60 7.55 -22.29
N VAL A 384 -0.91 8.12 -23.27
CA VAL A 384 -0.07 9.31 -23.04
C VAL A 384 -0.93 10.38 -22.38
N LEU A 385 -2.03 10.69 -23.03
CA LEU A 385 -2.91 11.70 -22.53
C LEU A 385 -3.30 11.42 -21.06
N GLY A 386 -3.51 10.15 -20.74
CA GLY A 386 -3.74 9.76 -19.36
C GLY A 386 -2.53 10.03 -18.50
N ALA A 387 -1.36 9.56 -18.93
CA ALA A 387 -0.12 9.65 -18.16
C ALA A 387 0.30 11.07 -17.75
N ILE A 388 0.19 11.99 -18.71
CA ILE A 388 0.52 13.38 -18.45
C ILE A 388 -0.53 14.13 -17.63
N ALA A 389 -1.72 13.54 -17.45
CA ALA A 389 -2.82 14.27 -16.85
C ALA A 389 -2.47 14.92 -15.53
N GLU A 390 -1.82 14.20 -14.64
CA GLU A 390 -1.74 14.71 -13.27
C GLU A 390 -0.95 15.98 -13.14
N GLY A 391 0.19 16.07 -13.80
CA GLY A 391 1.03 17.25 -13.65
C GLY A 391 0.92 18.28 -14.76
N CYS A 392 0.40 17.87 -15.91
CA CYS A 392 0.12 18.80 -17.01
C CYS A 392 -1.32 19.28 -17.00
N MET A 393 -2.04 19.08 -15.91
CA MET A 393 -3.46 19.43 -15.89
C MET A 393 -3.73 20.84 -16.39
N GLN A 394 -3.16 21.86 -15.73
CA GLN A 394 -3.41 23.27 -16.09
C GLN A 394 -3.15 23.50 -17.59
N GLY A 395 -2.03 23.03 -18.08
CA GLY A 395 -1.73 23.23 -19.47
C GLY A 395 -2.72 22.56 -20.41
N MET A 396 -3.42 21.53 -19.92
CA MET A 396 -4.37 20.79 -20.76
C MET A 396 -5.80 21.36 -20.83
N ILE A 397 -6.20 22.16 -19.84
CA ILE A 397 -7.55 22.73 -19.81
C ILE A 397 -8.06 23.16 -21.20
N PRO A 398 -7.33 24.05 -21.90
CA PRO A 398 -7.77 24.51 -23.20
C PRO A 398 -8.08 23.44 -24.23
N TYR A 399 -7.54 22.25 -24.09
CA TYR A 399 -7.71 21.27 -25.14
C TYR A 399 -8.84 20.32 -24.81
N LEU A 400 -9.25 20.33 -23.53
CA LEU A 400 -10.15 19.32 -23.01
C LEU A 400 -11.54 19.37 -23.64
N PRO A 401 -12.09 20.58 -23.88
CA PRO A 401 -13.36 20.66 -24.51
C PRO A 401 -13.41 19.95 -25.86
N GLU A 402 -12.27 19.85 -26.56
CA GLU A 402 -12.20 19.02 -27.76
C GLU A 402 -12.03 17.54 -27.39
N LEU A 403 -11.19 17.29 -26.39
CA LEU A 403 -10.73 15.94 -26.10
C LEU A 403 -11.73 15.10 -25.33
N ILE A 404 -12.23 15.65 -24.22
CA ILE A 404 -13.16 14.90 -23.41
C ILE A 404 -14.31 14.36 -24.24
N PRO A 405 -14.90 15.18 -25.11
CA PRO A 405 -15.91 14.61 -25.99
C PRO A 405 -15.35 13.58 -26.94
N HIS A 406 -14.17 13.84 -27.47
CA HIS A 406 -13.55 12.83 -28.33
C HIS A 406 -13.44 11.49 -27.61
N LEU A 407 -13.02 11.51 -26.35
CA LEU A 407 -12.79 10.27 -25.58
C LEU A 407 -14.09 9.55 -25.27
N ILE A 408 -15.12 10.30 -24.93
CA ILE A 408 -16.47 9.72 -24.74
C ILE A 408 -16.95 8.98 -25.99
N GLN A 409 -16.54 9.47 -27.14
CA GLN A 409 -16.76 8.73 -28.37
C GLN A 409 -16.06 7.40 -28.30
N CYS A 410 -14.75 7.41 -28.05
CA CYS A 410 -13.94 6.18 -28.11
C CYS A 410 -14.33 5.13 -27.07
N LEU A 411 -15.14 5.49 -26.09
CA LEU A 411 -15.65 4.49 -25.17
C LEU A 411 -16.47 3.45 -25.91
N SER A 412 -16.95 3.76 -27.11
CA SER A 412 -17.72 2.77 -27.86
C SER A 412 -16.96 2.22 -29.08
N ASP A 413 -15.65 2.45 -29.14
CA ASP A 413 -14.80 1.92 -30.21
C ASP A 413 -14.96 0.42 -30.30
N LYS A 414 -14.75 -0.08 -31.51
CA LYS A 414 -14.93 -1.50 -31.81
C LYS A 414 -13.94 -2.36 -31.03
N LYS A 415 -12.75 -1.83 -30.77
CA LYS A 415 -11.64 -2.58 -30.14
C LYS A 415 -11.65 -2.44 -28.60
N ALA A 416 -11.55 -3.54 -27.85
CA ALA A 416 -11.66 -3.42 -26.39
C ALA A 416 -10.48 -2.67 -25.75
N LEU A 417 -9.26 -2.94 -26.23
CA LEU A 417 -8.09 -2.23 -25.72
C LEU A 417 -8.13 -0.72 -25.90
N VAL A 418 -8.98 -0.25 -26.81
CA VAL A 418 -9.24 1.17 -26.93
C VAL A 418 -10.34 1.56 -25.96
N ARG A 419 -11.35 0.72 -25.82
CA ARG A 419 -12.40 1.01 -24.85
C ARG A 419 -11.85 1.15 -23.41
N SER A 420 -10.98 0.25 -22.99
CA SER A 420 -10.57 0.21 -21.59
C SER A 420 -9.60 1.30 -21.21
N ILE A 421 -8.61 1.56 -22.06
CA ILE A 421 -7.68 2.63 -21.71
C ILE A 421 -8.41 3.96 -21.71
N THR A 422 -9.39 4.10 -22.58
CA THR A 422 -10.22 5.30 -22.61
C THR A 422 -10.94 5.56 -21.30
N CYS A 423 -11.46 4.51 -20.68
CA CYS A 423 -12.12 4.64 -19.38
C CYS A 423 -11.12 5.20 -18.41
N TRP A 424 -9.88 4.71 -18.48
CA TRP A 424 -8.85 5.11 -17.51
C TRP A 424 -8.49 6.53 -17.70
N THR A 425 -8.20 6.89 -18.93
CA THR A 425 -7.77 8.25 -19.22
C THR A 425 -8.83 9.24 -18.85
N LEU A 426 -10.09 8.94 -19.14
CA LEU A 426 -11.18 9.83 -18.69
C LEU A 426 -11.19 10.05 -17.19
N SER A 427 -10.90 9.01 -16.42
CA SER A 427 -10.90 9.12 -14.97
C SER A 427 -9.81 10.02 -14.48
N ARG A 428 -8.78 10.23 -15.28
CA ARG A 428 -7.69 11.12 -14.86
C ARG A 428 -8.07 12.62 -15.01
N TYR A 429 -9.12 12.90 -15.75
CA TYR A 429 -9.62 14.26 -15.93
C TYR A 429 -10.97 14.46 -15.20
N ALA A 430 -11.41 13.45 -14.47
CA ALA A 430 -12.60 13.55 -13.67
C ALA A 430 -12.69 14.80 -12.83
N HIS A 431 -11.59 15.35 -12.29
CA HIS A 431 -11.77 16.59 -11.53
C HIS A 431 -12.35 17.71 -12.39
N TRP A 432 -11.72 17.94 -13.54
CA TRP A 432 -12.17 18.95 -14.47
C TRP A 432 -13.62 18.73 -14.95
N VAL A 433 -13.94 17.54 -15.42
CA VAL A 433 -15.28 17.25 -15.93
C VAL A 433 -16.38 17.61 -14.95
N VAL A 434 -16.13 17.28 -13.70
CA VAL A 434 -17.10 17.50 -12.65
C VAL A 434 -17.17 18.97 -12.28
N SER A 435 -16.18 19.74 -12.70
CA SER A 435 -16.20 21.17 -12.40
C SER A 435 -16.81 21.95 -13.55
N GLN A 436 -17.67 21.32 -14.35
CA GLN A 436 -18.38 22.00 -15.45
C GLN A 436 -19.90 21.92 -15.29
N PRO A 437 -20.64 22.58 -16.21
CA PRO A 437 -22.03 22.23 -16.44
C PRO A 437 -22.23 20.72 -16.56
N PRO A 438 -22.99 20.12 -15.63
CA PRO A 438 -23.12 18.68 -15.65
C PRO A 438 -23.62 18.06 -16.95
N ASP A 439 -24.14 18.85 -17.87
CA ASP A 439 -24.89 18.28 -18.97
C ASP A 439 -24.04 18.14 -20.19
N THR A 440 -23.06 19.01 -20.30
CA THR A 440 -22.17 19.00 -21.44
C THR A 440 -21.21 17.80 -21.35
N TYR A 441 -20.56 17.62 -20.18
CA TYR A 441 -19.48 16.61 -20.01
C TYR A 441 -19.79 15.48 -19.06
N LEU A 442 -20.29 15.80 -17.87
CA LEU A 442 -20.53 14.75 -16.86
C LEU A 442 -21.64 13.73 -17.19
N LYS A 443 -22.75 14.22 -17.72
CA LYS A 443 -23.93 13.39 -17.99
C LYS A 443 -23.62 12.33 -19.04
N PRO A 444 -23.14 12.75 -20.20
CA PRO A 444 -22.87 11.72 -21.19
C PRO A 444 -21.67 10.84 -20.84
N LEU A 445 -20.77 11.33 -19.96
CA LEU A 445 -19.65 10.50 -19.50
C LEU A 445 -20.14 9.37 -18.63
N MET A 446 -20.80 9.75 -17.55
CA MET A 446 -21.45 8.79 -16.69
C MET A 446 -22.38 7.82 -17.43
N THR A 447 -23.07 8.28 -18.45
CA THR A 447 -23.91 7.37 -19.22
C THR A 447 -23.11 6.30 -19.92
N GLU A 448 -22.03 6.69 -20.58
CA GLU A 448 -21.22 5.71 -21.31
C GLU A 448 -20.45 4.74 -20.42
N LEU A 449 -19.97 5.23 -19.28
CA LEU A 449 -19.30 4.41 -18.29
C LEU A 449 -20.21 3.31 -17.78
N LEU A 450 -21.39 3.72 -17.35
CA LEU A 450 -22.38 2.75 -16.92
C LEU A 450 -22.62 1.66 -17.96
N LYS A 451 -22.54 1.99 -19.24
CA LYS A 451 -22.71 0.94 -20.25
C LYS A 451 -21.56 -0.03 -20.16
N ARG A 452 -20.35 0.54 -20.14
CA ARG A 452 -19.10 -0.24 -20.21
C ARG A 452 -18.90 -1.11 -19.00
N ILE A 453 -19.36 -0.66 -17.85
CA ILE A 453 -19.43 -1.53 -16.69
C ILE A 453 -20.01 -2.92 -17.00
N LEU A 454 -20.89 -3.03 -17.98
CA LEU A 454 -21.46 -4.32 -18.35
C LEU A 454 -20.95 -4.79 -19.69
N ASP A 455 -19.85 -4.21 -20.16
CA ASP A 455 -19.23 -4.66 -21.40
C ASP A 455 -19.02 -6.18 -21.38
N SER A 456 -18.96 -6.81 -22.54
CA SER A 456 -18.72 -8.25 -22.62
C SER A 456 -17.32 -8.69 -22.22
N ASN A 457 -16.36 -7.76 -22.24
CA ASN A 457 -14.92 -8.03 -22.09
C ASN A 457 -14.47 -7.69 -20.67
N LYS A 458 -13.70 -8.59 -20.07
CA LYS A 458 -13.32 -8.46 -18.67
C LYS A 458 -12.43 -7.21 -18.42
N ARG A 459 -11.44 -6.99 -19.30
CA ARG A 459 -10.56 -5.82 -19.22
C ARG A 459 -11.33 -4.52 -19.19
N VAL A 460 -12.33 -4.42 -20.04
CA VAL A 460 -13.15 -3.23 -20.08
C VAL A 460 -13.98 -3.06 -18.85
N GLN A 461 -14.55 -4.15 -18.34
CA GLN A 461 -15.23 -4.08 -17.05
C GLN A 461 -14.32 -3.51 -15.98
N GLU A 462 -13.12 -4.05 -15.83
CA GLU A 462 -12.25 -3.59 -14.75
C GLU A 462 -11.95 -2.12 -14.97
N ALA A 463 -11.66 -1.73 -16.19
CA ALA A 463 -11.29 -0.34 -16.47
C ALA A 463 -12.41 0.58 -16.15
N ALA A 464 -13.60 0.17 -16.59
CA ALA A 464 -14.78 0.98 -16.51
C ALA A 464 -15.23 1.10 -15.07
N CYS A 465 -15.21 -0.01 -14.35
CA CYS A 465 -15.68 0.01 -12.96
C CYS A 465 -14.78 0.87 -12.09
N SER A 466 -13.48 0.72 -12.28
CA SER A 466 -12.49 1.57 -11.60
C SER A 466 -12.62 3.01 -11.96
N ALA A 467 -12.79 3.31 -13.25
CA ALA A 467 -12.94 4.72 -13.61
C ALA A 467 -14.21 5.30 -12.97
N PHE A 468 -15.25 4.48 -12.90
CA PHE A 468 -16.47 4.93 -12.29
C PHE A 468 -16.24 5.23 -10.83
N ALA A 469 -15.63 4.29 -10.12
CA ALA A 469 -15.40 4.51 -8.72
C ALA A 469 -14.59 5.80 -8.52
N THR A 470 -13.61 6.03 -9.39
CA THR A 470 -12.82 7.24 -9.32
C THR A 470 -13.68 8.42 -9.54
N LEU A 471 -14.50 8.36 -10.58
CA LEU A 471 -15.34 9.49 -10.93
C LEU A 471 -16.29 9.82 -9.79
N GLU A 472 -16.79 8.80 -9.11
CA GLU A 472 -17.77 8.95 -8.05
C GLU A 472 -17.23 9.77 -6.91
N GLU A 473 -15.96 9.54 -6.56
CA GLU A 473 -15.28 10.30 -5.51
C GLU A 473 -15.23 11.77 -5.84
N GLU A 474 -14.98 12.12 -7.10
CA GLU A 474 -14.84 13.53 -7.49
C GLU A 474 -16.19 14.22 -7.62
N ALA A 475 -17.20 13.44 -7.97
CA ALA A 475 -18.54 13.96 -8.26
C ALA A 475 -19.36 14.23 -7.02
N CYS A 476 -19.16 13.41 -5.99
CA CYS A 476 -19.89 13.46 -4.71
C CYS A 476 -21.39 13.64 -4.95
N THR A 477 -21.97 14.64 -4.31
CA THR A 477 -23.41 14.81 -4.24
C THR A 477 -24.11 15.05 -5.59
N GLU A 478 -23.34 15.29 -6.66
CA GLU A 478 -23.91 15.47 -8.01
C GLU A 478 -24.45 14.20 -8.63
N LEU A 479 -24.36 13.08 -7.93
CA LEU A 479 -24.79 11.80 -8.51
C LEU A 479 -26.24 11.53 -8.19
N VAL A 480 -26.79 12.26 -7.23
CA VAL A 480 -28.11 11.92 -6.68
C VAL A 480 -29.21 11.75 -7.76
N PRO A 481 -29.24 12.58 -8.83
CA PRO A 481 -30.12 12.28 -9.98
C PRO A 481 -30.04 10.88 -10.56
N TYR A 482 -28.84 10.37 -10.74
CA TYR A 482 -28.61 9.18 -11.55
C TYR A 482 -28.64 7.91 -10.69
N LEU A 483 -28.77 8.11 -9.37
CA LEU A 483 -28.65 7.05 -8.38
C LEU A 483 -29.43 5.83 -8.76
N ALA A 484 -30.69 6.06 -9.11
CA ALA A 484 -31.55 4.97 -9.50
C ALA A 484 -30.87 4.22 -10.63
N TYR A 485 -30.35 4.97 -11.61
CA TYR A 485 -29.80 4.32 -12.80
C TYR A 485 -28.46 3.65 -12.45
N ILE A 486 -27.74 4.23 -11.51
CA ILE A 486 -26.45 3.67 -11.14
C ILE A 486 -26.57 2.30 -10.48
N LEU A 487 -27.45 2.21 -9.49
CA LEU A 487 -27.63 0.95 -8.78
C LEU A 487 -28.12 -0.14 -9.69
N ASP A 488 -28.99 0.20 -10.62
CA ASP A 488 -29.48 -0.79 -11.56
C ASP A 488 -28.28 -1.49 -12.20
N THR A 489 -27.33 -0.68 -12.66
CA THR A 489 -26.16 -1.18 -13.35
C THR A 489 -25.26 -1.95 -12.39
N LEU A 490 -24.98 -1.37 -11.22
CA LEU A 490 -24.05 -1.98 -10.25
C LEU A 490 -24.54 -3.32 -9.73
N VAL A 491 -25.78 -3.34 -9.27
CA VAL A 491 -26.40 -4.60 -8.89
C VAL A 491 -26.44 -5.62 -10.04
N PHE A 492 -26.86 -5.25 -11.24
CA PHE A 492 -26.87 -6.23 -12.34
C PHE A 492 -25.45 -6.82 -12.51
N ALA A 493 -24.43 -6.00 -12.32
CA ALA A 493 -23.06 -6.46 -12.53
C ALA A 493 -22.65 -7.58 -11.58
N PHE A 494 -23.28 -7.65 -10.40
CA PHE A 494 -23.07 -8.81 -9.51
C PHE A 494 -23.24 -10.16 -10.22
N SER A 495 -24.27 -10.29 -11.05
CA SER A 495 -24.49 -11.51 -11.82
C SER A 495 -23.40 -11.83 -12.82
N LYS A 496 -22.80 -10.82 -13.44
CA LYS A 496 -21.69 -11.03 -14.38
C LYS A 496 -20.35 -11.28 -13.68
N TYR A 497 -19.95 -10.32 -12.85
CA TYR A 497 -18.58 -10.19 -12.39
C TYR A 497 -18.10 -11.33 -11.50
N GLN A 498 -16.85 -11.71 -11.71
CA GLN A 498 -16.21 -12.68 -10.88
C GLN A 498 -14.80 -12.27 -10.56
N HIS A 499 -14.34 -12.68 -9.37
CA HIS A 499 -12.95 -12.56 -8.96
C HIS A 499 -12.53 -11.10 -8.95
N LYS A 500 -11.54 -10.76 -9.79
CA LYS A 500 -10.80 -9.51 -9.66
C LYS A 500 -11.74 -8.35 -9.87
N ASN A 501 -12.67 -8.51 -10.82
CA ASN A 501 -13.60 -7.44 -11.14
C ASN A 501 -14.64 -7.26 -10.07
N LEU A 502 -15.01 -8.36 -9.42
CA LEU A 502 -15.92 -8.29 -8.27
C LEU A 502 -15.42 -7.38 -7.16
N LEU A 503 -14.11 -7.47 -6.91
CA LEU A 503 -13.46 -6.66 -5.88
C LEU A 503 -13.56 -5.18 -6.18
N ILE A 504 -13.22 -4.80 -7.43
CA ILE A 504 -13.36 -3.40 -7.91
C ILE A 504 -14.80 -2.93 -7.73
N LEU A 505 -15.74 -3.85 -7.92
CA LEU A 505 -17.14 -3.54 -7.77
C LEU A 505 -17.54 -3.22 -6.36
N TYR A 506 -17.10 -3.97 -5.38
CA TYR A 506 -17.38 -3.55 -4.01
C TYR A 506 -16.81 -2.13 -3.75
N ASP A 507 -15.61 -1.85 -4.24
CA ASP A 507 -15.04 -0.51 -4.14
C ASP A 507 -16.04 0.49 -4.73
N ALA A 508 -16.58 0.17 -5.90
CA ALA A 508 -17.50 1.06 -6.61
C ALA A 508 -18.73 1.38 -5.78
N ILE A 509 -19.21 0.39 -5.05
CA ILE A 509 -20.43 0.57 -4.28
C ILE A 509 -20.17 1.28 -2.98
N GLY A 510 -19.10 0.83 -2.30
CA GLY A 510 -18.60 1.54 -1.15
C GLY A 510 -18.45 3.03 -1.44
N THR A 511 -17.77 3.34 -2.55
CA THR A 511 -17.39 4.70 -2.84
C THR A 511 -18.64 5.50 -3.18
N LEU A 512 -19.64 4.82 -3.74
CA LEU A 512 -20.97 5.43 -3.98
C LEU A 512 -21.66 5.83 -2.69
N ALA A 513 -21.90 4.88 -1.80
CA ALA A 513 -22.44 5.18 -0.48
C ALA A 513 -21.71 6.33 0.24
N ASP A 514 -20.39 6.32 0.21
CA ASP A 514 -19.62 7.42 0.83
C ASP A 514 -19.91 8.73 0.14
N SER A 515 -20.24 8.68 -1.15
CA SER A 515 -20.37 9.88 -1.97
C SER A 515 -21.73 10.55 -1.87
N VAL A 516 -22.79 9.78 -1.65
CA VAL A 516 -24.16 10.33 -1.51
C VAL A 516 -24.76 10.25 -0.10
N GLY A 517 -24.29 9.30 0.71
CA GLY A 517 -24.78 9.18 2.07
C GLY A 517 -26.26 8.94 2.10
N HIS A 518 -26.91 9.50 3.12
CA HIS A 518 -28.34 9.31 3.41
C HIS A 518 -29.28 9.21 2.19
N HIS A 519 -28.99 9.98 1.12
CA HIS A 519 -29.74 9.92 -0.17
C HIS A 519 -30.02 8.51 -0.65
N LEU A 520 -29.19 7.58 -0.22
CA LEU A 520 -29.30 6.19 -0.58
C LEU A 520 -30.28 5.45 0.35
N ASN A 521 -30.75 6.10 1.41
CA ASN A 521 -31.78 5.45 2.24
C ASN A 521 -33.19 5.58 1.65
N LYS A 522 -33.59 4.60 0.86
CA LYS A 522 -34.94 4.57 0.29
C LYS A 522 -35.27 3.13 -0.01
N PRO A 523 -36.38 2.63 0.54
CA PRO A 523 -36.71 1.21 0.46
C PRO A 523 -36.44 0.55 -0.88
N GLU A 524 -36.72 1.24 -1.99
CA GLU A 524 -36.57 0.64 -3.33
C GLU A 524 -35.09 0.36 -3.65
N TYR A 525 -34.20 1.21 -3.12
CA TYR A 525 -32.74 1.10 -3.29
C TYR A 525 -32.12 -0.03 -2.43
N ILE A 526 -32.41 0.04 -1.13
CA ILE A 526 -32.12 -1.07 -0.20
C ILE A 526 -32.73 -2.41 -0.67
N GLN A 527 -33.77 -2.32 -1.47
CA GLN A 527 -34.48 -3.49 -1.99
C GLN A 527 -33.55 -4.31 -2.84
N MET A 528 -32.89 -3.63 -3.77
CA MET A 528 -32.17 -4.29 -4.84
C MET A 528 -30.72 -4.51 -4.43
N LEU A 529 -30.22 -3.59 -3.60
CA LEU A 529 -28.83 -3.57 -3.15
C LEU A 529 -28.47 -4.60 -2.10
N MET A 530 -29.18 -4.56 -0.98
CA MET A 530 -28.81 -5.36 0.16
C MET A 530 -28.87 -6.87 -0.05
N PRO A 531 -29.97 -7.40 -0.61
CA PRO A 531 -30.01 -8.86 -0.82
C PRO A 531 -28.75 -9.47 -1.43
N PRO A 532 -28.32 -9.00 -2.61
CA PRO A 532 -27.12 -9.61 -3.20
C PRO A 532 -25.83 -9.44 -2.39
N LEU A 533 -25.74 -8.41 -1.55
CA LEU A 533 -24.55 -8.22 -0.68
C LEU A 533 -24.52 -9.23 0.44
N ILE A 534 -25.58 -9.27 1.24
CA ILE A 534 -25.67 -10.25 2.32
C ILE A 534 -25.67 -11.68 1.75
N GLN A 535 -26.20 -11.86 0.54
CA GLN A 535 -26.01 -13.13 -0.14
C GLN A 535 -24.50 -13.45 -0.21
N LYS A 536 -23.71 -12.50 -0.72
CA LYS A 536 -22.25 -12.66 -0.94
C LYS A 536 -21.49 -12.75 0.36
N TRP A 537 -22.03 -12.07 1.38
CA TRP A 537 -21.43 -11.99 2.73
C TRP A 537 -21.18 -13.35 3.34
N ASN A 538 -22.16 -14.22 3.17
CA ASN A 538 -22.13 -15.54 3.73
C ASN A 538 -21.23 -16.42 2.89
N MET A 539 -21.56 -16.60 1.62
CA MET A 539 -20.89 -17.63 0.84
C MET A 539 -19.36 -17.58 0.90
N LEU A 540 -18.79 -16.37 0.94
CA LEU A 540 -17.33 -16.21 1.10
C LEU A 540 -16.97 -16.40 2.59
N LYS A 541 -15.87 -17.13 2.83
CA LYS A 541 -15.57 -17.83 4.09
C LYS A 541 -14.55 -17.11 4.94
N ASP A 542 -14.72 -17.12 6.27
CA ASP A 542 -13.71 -16.52 7.14
C ASP A 542 -12.38 -17.06 6.68
N GLU A 543 -11.37 -16.20 6.61
CA GLU A 543 -10.06 -16.54 6.02
C GLU A 543 -10.06 -16.46 4.51
N ASP A 544 -10.94 -15.65 3.93
CA ASP A 544 -11.02 -15.53 2.48
C ASP A 544 -10.42 -14.18 2.06
N LYS A 545 -9.73 -14.18 0.90
CA LYS A 545 -9.14 -12.95 0.32
C LYS A 545 -10.10 -11.74 0.29
N ASP A 546 -11.40 -12.03 0.26
CA ASP A 546 -12.43 -11.10 -0.20
C ASP A 546 -13.40 -10.57 0.85
N LEU A 547 -13.29 -11.02 2.09
CA LEU A 547 -14.12 -10.44 3.15
C LEU A 547 -13.54 -9.11 3.58
N PHE A 548 -12.29 -8.87 3.24
CA PHE A 548 -11.72 -7.59 3.58
C PHE A 548 -12.36 -6.44 2.76
N PRO A 549 -12.46 -6.60 1.42
CA PRO A 549 -13.10 -5.51 0.64
C PRO A 549 -14.61 -5.42 0.84
N LEU A 550 -15.21 -6.52 1.22
CA LEU A 550 -16.62 -6.55 1.49
C LEU A 550 -16.99 -5.92 2.84
N LEU A 551 -16.13 -6.03 3.86
CA LEU A 551 -16.36 -5.31 5.12
C LEU A 551 -16.43 -3.84 4.84
N GLU A 552 -15.42 -3.37 4.12
CA GLU A 552 -15.27 -1.95 3.82
C GLU A 552 -16.39 -1.44 2.94
N CYS A 553 -16.91 -2.31 2.07
CA CYS A 553 -18.11 -2.00 1.32
C CYS A 553 -19.28 -1.81 2.27
N LEU A 554 -19.56 -2.80 3.11
CA LEU A 554 -20.70 -2.74 4.04
C LEU A 554 -20.58 -1.64 5.10
N SER A 555 -19.38 -1.46 5.62
CA SER A 555 -19.11 -0.35 6.52
C SER A 555 -19.57 1.01 5.93
N SER A 556 -19.27 1.25 4.65
CA SER A 556 -19.64 2.50 3.97
C SER A 556 -21.15 2.63 3.82
N VAL A 557 -21.75 1.54 3.33
CA VAL A 557 -23.19 1.42 3.11
C VAL A 557 -23.93 1.60 4.42
N ALA A 558 -23.62 0.75 5.39
CA ALA A 558 -24.27 0.81 6.69
C ALA A 558 -24.31 2.21 7.22
N THR A 559 -23.19 2.92 7.12
CA THR A 559 -23.09 4.30 7.57
C THR A 559 -24.02 5.24 6.78
N ALA A 560 -24.16 5.01 5.49
CA ALA A 560 -25.00 5.90 4.65
C ALA A 560 -26.47 5.57 4.81
N LEU A 561 -26.75 4.29 4.97
CA LEU A 561 -28.12 3.80 5.14
C LEU A 561 -28.72 4.15 6.46
N GLN A 562 -27.89 4.42 7.45
CA GLN A 562 -28.36 4.79 8.77
C GLN A 562 -29.21 3.67 9.36
N SER A 563 -30.45 4.03 9.74
CA SER A 563 -31.35 3.16 10.47
C SER A 563 -31.95 2.13 9.54
N GLY A 564 -32.09 2.52 8.27
CA GLY A 564 -32.55 1.63 7.21
C GLY A 564 -31.75 0.34 7.07
N PHE A 565 -30.55 0.34 7.63
CA PHE A 565 -29.74 -0.87 7.67
C PHE A 565 -30.32 -2.02 8.49
N LEU A 566 -31.13 -1.68 9.50
CA LEU A 566 -31.47 -2.57 10.64
C LEU A 566 -31.83 -4.00 10.29
N PRO A 567 -32.84 -4.20 9.44
CA PRO A 567 -33.15 -5.54 8.92
C PRO A 567 -31.98 -6.47 8.68
N TYR A 568 -30.82 -5.92 8.35
CA TYR A 568 -29.74 -6.71 7.77
C TYR A 568 -28.53 -6.93 8.67
N CYS A 569 -28.58 -6.45 9.91
CA CYS A 569 -27.34 -6.27 10.67
C CYS A 569 -27.00 -7.33 11.72
N GLU A 570 -27.92 -8.26 11.99
CA GLU A 570 -27.58 -9.37 12.89
C GLU A 570 -26.38 -10.13 12.36
N PRO A 571 -26.43 -10.62 11.11
CA PRO A 571 -25.32 -11.44 10.60
C PRO A 571 -24.01 -10.70 10.44
N VAL A 572 -24.10 -9.37 10.31
CA VAL A 572 -22.93 -8.52 10.11
C VAL A 572 -22.26 -8.27 11.45
N TYR A 573 -23.08 -7.98 12.44
CA TYR A 573 -22.59 -7.88 13.82
C TYR A 573 -21.85 -9.16 14.24
N GLN A 574 -22.46 -10.32 14.00
CA GLN A 574 -21.95 -11.59 14.53
C GLN A 574 -20.58 -11.95 13.98
N ARG A 575 -20.42 -11.77 12.69
CA ARG A 575 -19.16 -12.09 12.05
C ARG A 575 -18.08 -11.09 12.43
N CYS A 576 -18.48 -9.87 12.76
CA CYS A 576 -17.51 -8.86 13.21
C CYS A 576 -16.95 -9.18 14.59
N VAL A 577 -17.85 -9.43 15.54
CA VAL A 577 -17.45 -9.88 16.86
C VAL A 577 -16.60 -11.14 16.74
N ASN A 578 -17.11 -12.13 16.03
CA ASN A 578 -16.36 -13.34 15.81
C ASN A 578 -14.88 -13.05 15.45
N LEU A 579 -14.66 -12.22 14.42
CA LEU A 579 -13.29 -11.93 13.93
C LEU A 579 -12.39 -11.24 14.92
N VAL A 580 -12.97 -10.35 15.71
CA VAL A 580 -12.20 -9.64 16.71
C VAL A 580 -11.69 -10.69 17.67
N GLN A 581 -12.57 -11.60 18.07
CA GLN A 581 -12.16 -12.64 19.00
C GLN A 581 -11.14 -13.57 18.36
N LYS A 582 -11.53 -14.16 17.23
CA LYS A 582 -10.68 -15.09 16.52
C LYS A 582 -9.25 -14.58 16.44
N THR A 583 -9.11 -13.26 16.30
CA THR A 583 -7.81 -12.60 16.15
C THR A 583 -7.03 -12.63 17.46
N LEU A 584 -7.67 -12.15 18.52
CA LEU A 584 -7.03 -12.09 19.83
C LEU A 584 -6.65 -13.49 20.32
N ALA A 585 -7.46 -14.47 19.96
CA ALA A 585 -7.12 -15.85 20.17
C ALA A 585 -5.71 -16.08 19.66
N GLN A 586 -5.47 -15.76 18.39
CA GLN A 586 -4.16 -16.03 17.80
C GLN A 586 -3.06 -15.15 18.38
N ALA A 587 -3.37 -13.89 18.70
CA ALA A 587 -2.33 -12.96 19.17
C ALA A 587 -1.78 -13.46 20.49
N MET A 588 -2.66 -13.99 21.33
CA MET A 588 -2.27 -14.65 22.57
C MET A 588 -1.25 -15.75 22.36
N LEU A 589 -1.65 -16.76 21.58
CA LEU A 589 -0.80 -17.92 21.29
C LEU A 589 0.56 -17.48 20.79
N ASN A 590 0.53 -16.71 19.71
CA ASN A 590 1.73 -16.11 19.17
C ASN A 590 2.62 -15.37 20.17
N ASN A 591 2.03 -14.89 21.27
CA ASN A 591 2.77 -14.13 22.27
C ASN A 591 3.50 -15.04 23.22
N ALA A 592 2.94 -16.23 23.41
CA ALA A 592 3.43 -17.20 24.36
C ALA A 592 4.36 -18.20 23.67
N GLN A 593 3.93 -18.68 22.50
CA GLN A 593 4.72 -19.63 21.70
C GLN A 593 4.94 -19.09 20.27
N PRO A 594 5.72 -17.99 20.13
CA PRO A 594 5.77 -17.32 18.82
C PRO A 594 6.27 -18.21 17.70
N ASP A 595 7.04 -19.26 18.03
CA ASP A 595 7.61 -20.18 17.01
C ASP A 595 6.63 -21.18 16.37
N GLN A 596 5.58 -21.54 17.09
CA GLN A 596 4.64 -22.50 16.55
C GLN A 596 3.35 -21.82 16.11
N TYR A 597 3.15 -20.58 16.53
CA TYR A 597 1.88 -19.88 16.29
C TYR A 597 2.00 -18.62 15.43
N GLU A 598 1.29 -18.66 14.30
CA GLU A 598 1.18 -17.55 13.36
C GLU A 598 0.64 -16.30 14.03
N ALA A 599 1.43 -15.23 14.01
CA ALA A 599 0.94 -13.91 14.43
C ALA A 599 -0.26 -13.49 13.57
N PRO A 600 -1.20 -12.72 14.14
CA PRO A 600 -2.41 -12.48 13.36
C PRO A 600 -2.26 -11.22 12.53
N ASP A 601 -3.27 -10.96 11.70
CA ASP A 601 -3.33 -9.77 10.88
C ASP A 601 -4.39 -8.83 11.45
N LYS A 602 -3.89 -7.76 12.05
CA LYS A 602 -4.73 -6.87 12.83
C LYS A 602 -5.64 -6.00 11.98
N ASP A 603 -5.33 -5.87 10.70
CA ASP A 603 -6.09 -5.00 9.85
C ASP A 603 -7.52 -5.58 9.82
N PHE A 604 -7.65 -6.90 9.87
CA PHE A 604 -8.96 -7.55 9.96
C PHE A 604 -9.77 -7.00 11.14
N MET A 605 -9.13 -6.94 12.29
CA MET A 605 -9.75 -6.49 13.53
C MET A 605 -10.09 -5.00 13.39
N ILE A 606 -9.08 -4.17 13.14
CA ILE A 606 -9.30 -2.73 12.95
C ILE A 606 -10.52 -2.36 12.05
N VAL A 607 -10.74 -3.04 10.94
CA VAL A 607 -11.95 -2.76 10.14
C VAL A 607 -13.25 -3.25 10.78
N ALA A 608 -13.22 -4.42 11.40
CA ALA A 608 -14.38 -4.92 12.16
C ALA A 608 -14.81 -3.93 13.22
N LEU A 609 -13.88 -3.54 14.08
CA LEU A 609 -14.17 -2.53 15.11
C LEU A 609 -14.75 -1.23 14.54
N ASP A 610 -14.24 -0.88 13.35
CA ASP A 610 -14.66 0.33 12.71
C ASP A 610 -16.06 0.15 12.12
N LEU A 611 -16.37 -1.05 11.64
CA LEU A 611 -17.71 -1.38 11.17
C LEU A 611 -18.71 -1.47 12.34
N LEU A 612 -18.23 -1.96 13.49
CA LEU A 612 -19.13 -2.11 14.63
C LEU A 612 -19.44 -0.72 15.19
N SER A 613 -18.39 0.10 15.20
CA SER A 613 -18.51 1.48 15.57
C SER A 613 -19.49 2.15 14.62
N GLY A 614 -19.47 1.71 13.37
CA GLY A 614 -20.37 2.22 12.35
C GLY A 614 -21.83 1.91 12.56
N LEU A 615 -22.11 0.72 13.10
CA LEU A 615 -23.49 0.34 13.42
C LEU A 615 -24.00 1.04 14.69
N ALA A 616 -23.12 1.21 15.67
CA ALA A 616 -23.47 1.94 16.88
C ALA A 616 -23.94 3.40 16.68
N GLU A 617 -23.31 4.13 15.76
CA GLU A 617 -23.76 5.48 15.42
C GLU A 617 -25.01 5.36 14.57
N GLY A 618 -25.08 4.32 13.76
CA GLY A 618 -26.07 4.22 12.68
C GLY A 618 -27.44 3.76 13.12
N LEU A 619 -27.46 2.63 13.82
CA LEU A 619 -28.68 2.08 14.36
C LEU A 619 -29.02 2.67 15.72
N GLY A 620 -28.03 3.31 16.34
CA GLY A 620 -28.21 3.94 17.65
C GLY A 620 -28.65 2.91 18.68
N GLY A 621 -29.82 3.15 19.28
CA GLY A 621 -30.36 2.29 20.33
C GLY A 621 -30.72 0.88 19.89
N ASN A 622 -31.07 0.71 18.64
CA ASN A 622 -31.58 -0.58 18.18
C ASN A 622 -30.51 -1.65 18.13
N ILE A 623 -29.26 -1.21 18.13
CA ILE A 623 -28.16 -2.14 18.28
C ILE A 623 -28.24 -2.91 19.62
N GLU A 624 -28.67 -2.22 20.67
CA GLU A 624 -28.52 -2.66 22.06
C GLU A 624 -28.58 -4.17 22.33
N GLN A 625 -29.60 -4.81 21.80
CA GLN A 625 -29.87 -6.18 22.18
C GLN A 625 -28.80 -7.15 21.68
N LEU A 626 -28.18 -6.83 20.55
CA LEU A 626 -27.08 -7.63 20.04
C LEU A 626 -25.84 -7.45 20.92
N VAL A 627 -25.73 -6.25 21.50
CA VAL A 627 -24.65 -5.95 22.43
C VAL A 627 -24.79 -6.81 23.67
N ALA A 628 -26.04 -6.94 24.13
CA ALA A 628 -26.40 -7.74 25.30
C ALA A 628 -25.99 -9.20 25.11
N ARG A 629 -26.36 -9.76 23.96
CA ARG A 629 -26.08 -11.15 23.66
C ARG A 629 -24.61 -11.48 23.39
N SER A 630 -23.70 -10.51 23.45
CA SER A 630 -22.32 -10.76 23.02
C SER A 630 -21.29 -10.24 24.00
N ASN A 631 -20.08 -10.73 23.84
CA ASN A 631 -18.94 -10.32 24.69
C ASN A 631 -18.14 -9.20 24.02
N ILE A 632 -18.81 -8.50 23.12
CA ILE A 632 -18.29 -7.28 22.53
C ILE A 632 -17.48 -6.43 23.51
N LEU A 633 -17.99 -6.25 24.73
CA LEU A 633 -17.34 -5.41 25.75
C LEU A 633 -16.07 -5.99 26.35
N THR A 634 -16.04 -7.30 26.55
CA THR A 634 -14.80 -7.90 27.01
C THR A 634 -13.78 -7.64 25.94
N LEU A 635 -14.14 -8.02 24.72
CA LEU A 635 -13.25 -7.93 23.56
C LEU A 635 -12.64 -6.54 23.42
N MET A 636 -13.50 -5.53 23.44
CA MET A 636 -13.08 -4.16 23.48
C MET A 636 -12.08 -3.89 24.59
N TYR A 637 -12.38 -4.40 25.77
CA TYR A 637 -11.46 -4.30 26.89
C TYR A 637 -10.06 -4.75 26.49
N GLN A 638 -9.98 -5.91 25.84
CA GLN A 638 -8.71 -6.45 25.39
C GLN A 638 -8.00 -5.52 24.37
N CYS A 639 -8.75 -5.08 23.35
CA CYS A 639 -8.26 -4.16 22.31
C CYS A 639 -7.73 -2.83 22.81
N MET A 640 -8.29 -2.33 23.89
CA MET A 640 -7.83 -1.07 24.48
C MET A 640 -6.43 -1.21 25.11
N GLN A 641 -6.00 -2.44 25.36
CA GLN A 641 -4.65 -2.65 25.85
C GLN A 641 -3.75 -3.16 24.76
N ASP A 642 -4.32 -3.49 23.60
CA ASP A 642 -3.53 -3.93 22.44
C ASP A 642 -2.42 -2.93 22.14
N LYS A 643 -1.23 -3.40 21.75
CA LYS A 643 -0.08 -2.51 21.69
C LYS A 643 0.01 -1.73 20.38
N MET A 644 -0.76 -2.11 19.37
CA MET A 644 -0.82 -1.34 18.11
C MET A 644 -1.84 -0.23 18.21
N PRO A 645 -1.43 1.03 18.01
CA PRO A 645 -2.30 2.18 18.27
C PRO A 645 -3.58 2.27 17.45
N GLU A 646 -3.55 1.81 16.19
CA GLU A 646 -4.74 1.75 15.34
C GLU A 646 -5.83 0.92 16.00
N VAL A 647 -5.43 -0.06 16.81
CA VAL A 647 -6.42 -0.93 17.45
C VAL A 647 -7.01 -0.22 18.64
N ARG A 648 -6.14 0.34 19.47
CA ARG A 648 -6.60 1.09 20.64
C ARG A 648 -7.54 2.21 20.24
N GLN A 649 -7.19 2.86 19.14
CA GLN A 649 -7.96 3.93 18.53
C GLN A 649 -9.35 3.49 18.03
N SER A 650 -9.43 2.35 17.34
CA SER A 650 -10.72 1.84 16.86
C SER A 650 -11.68 1.35 17.93
N SER A 651 -11.18 1.10 19.13
CA SER A 651 -12.01 0.60 20.24
C SER A 651 -12.52 1.78 21.03
N PHE A 652 -11.67 2.74 21.35
CA PHE A 652 -12.15 3.97 21.98
C PHE A 652 -13.24 4.66 21.16
N ALA A 653 -13.10 4.59 19.83
CA ALA A 653 -14.11 5.09 18.93
C ALA A 653 -15.39 4.29 19.15
N LEU A 654 -15.25 2.98 19.16
CA LEU A 654 -16.41 2.10 19.39
C LEU A 654 -17.08 2.33 20.76
N LEU A 655 -16.27 2.61 21.77
CA LEU A 655 -16.75 2.74 23.12
C LEU A 655 -17.60 3.97 23.27
N GLY A 656 -17.10 5.08 22.73
CA GLY A 656 -17.84 6.33 22.73
C GLY A 656 -19.19 6.15 22.04
N ASP A 657 -19.26 5.29 21.03
CA ASP A 657 -20.50 5.13 20.29
C ASP A 657 -21.46 4.31 21.13
N LEU A 658 -21.00 3.14 21.53
CA LEU A 658 -21.73 2.27 22.44
C LEU A 658 -22.24 2.99 23.68
N THR A 659 -21.41 3.86 24.20
CA THR A 659 -21.83 4.75 25.27
C THR A 659 -23.12 5.52 24.93
N LYS A 660 -23.17 6.13 23.75
CA LYS A 660 -24.36 6.90 23.36
C LYS A 660 -25.51 6.00 22.99
N ALA A 661 -25.21 4.96 22.24
CA ALA A 661 -26.21 4.03 21.74
C ALA A 661 -26.92 3.29 22.87
N CYS A 662 -26.15 2.78 23.85
CA CYS A 662 -26.73 1.97 24.92
C CYS A 662 -25.88 1.95 26.16
N PHE A 663 -25.86 3.06 26.88
CA PHE A 663 -25.02 3.14 28.05
C PHE A 663 -25.31 2.07 29.09
N GLN A 664 -26.55 1.59 29.13
CA GLN A 664 -26.98 0.62 30.14
C GLN A 664 -26.14 -0.66 30.14
N HIS A 665 -25.73 -1.14 28.97
CA HIS A 665 -24.84 -2.30 28.89
C HIS A 665 -23.38 -1.99 29.14
N VAL A 666 -23.02 -0.71 29.20
CA VAL A 666 -21.62 -0.29 29.32
C VAL A 666 -21.20 -0.05 30.77
N LYS A 667 -22.12 0.60 31.52
CA LYS A 667 -21.89 1.05 32.91
C LYS A 667 -21.27 -0.03 33.83
N PRO A 668 -21.82 -1.25 33.77
CA PRO A 668 -21.07 -2.36 34.35
C PRO A 668 -19.57 -2.21 34.18
N CYS A 669 -19.06 -2.11 32.93
CA CYS A 669 -17.61 -2.19 32.71
C CYS A 669 -16.79 -0.88 33.00
N ILE A 670 -17.45 0.22 33.37
CA ILE A 670 -16.77 1.52 33.45
C ILE A 670 -15.60 1.53 34.41
N ALA A 671 -15.79 0.91 35.56
CA ALA A 671 -14.75 0.79 36.57
C ALA A 671 -13.39 0.45 35.95
N ASP A 672 -13.45 -0.56 35.09
CA ASP A 672 -12.29 -1.13 34.44
C ASP A 672 -11.74 -0.25 33.32
N PHE A 673 -12.64 0.40 32.56
CA PHE A 673 -12.27 1.23 31.38
C PHE A 673 -11.59 2.56 31.66
N MET A 674 -12.11 3.28 32.64
CA MET A 674 -11.66 4.63 32.92
C MET A 674 -10.18 4.73 33.23
N PRO A 675 -9.64 3.74 33.94
CA PRO A 675 -8.19 3.76 34.19
C PRO A 675 -7.33 3.48 32.93
N ILE A 676 -7.84 2.64 32.03
CA ILE A 676 -7.20 2.41 30.74
C ILE A 676 -7.30 3.66 29.88
N LEU A 677 -8.52 4.23 29.81
CA LEU A 677 -8.67 5.54 29.16
C LEU A 677 -7.69 6.52 29.75
N GLY A 678 -7.51 6.43 31.06
CA GLY A 678 -6.63 7.35 31.76
C GLY A 678 -5.21 7.31 31.27
N THR A 679 -4.72 6.11 30.99
CA THR A 679 -3.31 5.96 30.63
C THR A 679 -3.11 6.44 29.19
N ASN A 680 -4.07 6.09 28.31
CA ASN A 680 -4.06 6.51 26.90
C ASN A 680 -4.23 7.99 26.51
N LEU A 681 -4.42 8.86 27.50
CA LEU A 681 -4.36 10.33 27.31
C LEU A 681 -2.91 10.79 27.20
N ASN A 682 -2.31 10.47 26.06
CA ASN A 682 -0.94 10.80 25.75
C ASN A 682 -0.86 11.15 24.26
N PRO A 683 -0.60 12.45 23.95
CA PRO A 683 -0.67 13.02 22.59
C PRO A 683 0.43 12.61 21.59
N GLU A 684 1.32 11.72 22.01
CA GLU A 684 2.28 11.14 21.09
C GLU A 684 1.55 10.37 19.96
N PHE A 685 0.55 9.60 20.32
CA PHE A 685 -0.34 9.01 19.33
C PHE A 685 -1.62 9.83 19.35
N ILE A 686 -1.85 10.59 18.28
CA ILE A 686 -2.91 11.64 18.27
C ILE A 686 -4.32 11.08 18.17
N SER A 687 -4.54 10.19 17.23
CA SER A 687 -5.83 9.58 17.07
C SER A 687 -6.33 8.87 18.33
N VAL A 688 -5.46 8.18 19.08
CA VAL A 688 -5.93 7.49 20.30
C VAL A 688 -6.28 8.52 21.35
N CYS A 689 -5.39 9.49 21.51
CA CYS A 689 -5.60 10.56 22.48
C CYS A 689 -6.89 11.29 22.16
N ASN A 690 -7.06 11.57 20.88
CA ASN A 690 -8.31 12.12 20.44
C ASN A 690 -9.53 11.31 20.86
N ASN A 691 -9.65 10.07 20.38
CA ASN A 691 -10.79 9.22 20.72
C ASN A 691 -10.99 8.86 22.21
N ALA A 692 -9.90 8.78 22.95
CA ALA A 692 -10.00 8.63 24.40
C ALA A 692 -10.64 9.88 24.99
N THR A 693 -9.98 11.04 24.83
CA THR A 693 -10.58 12.33 25.20
C THR A 693 -12.08 12.37 24.82
N TRP A 694 -12.41 11.86 23.65
CA TRP A 694 -13.79 11.92 23.19
C TRP A 694 -14.69 11.03 24.01
N ALA A 695 -14.30 9.77 24.19
CA ALA A 695 -15.14 8.79 24.91
C ALA A 695 -15.31 9.07 26.42
N ILE A 696 -14.36 9.74 27.06
CA ILE A 696 -14.57 10.16 28.45
C ILE A 696 -15.59 11.30 28.48
N GLY A 697 -15.47 12.22 27.53
CA GLY A 697 -16.50 13.24 27.33
C GLY A 697 -17.88 12.59 27.28
N GLU A 698 -18.01 11.52 26.51
CA GLU A 698 -19.35 10.99 26.20
C GLU A 698 -19.92 10.23 27.35
N ILE A 699 -19.08 9.54 28.11
CA ILE A 699 -19.54 8.84 29.31
C ILE A 699 -19.79 9.79 30.50
N SER A 700 -19.04 10.90 30.61
CA SER A 700 -19.41 11.99 31.54
C SER A 700 -20.91 12.26 31.51
N ILE A 701 -21.39 12.54 30.32
CA ILE A 701 -22.78 12.84 30.13
C ILE A 701 -23.74 11.71 30.55
N GLN A 702 -23.30 10.46 30.49
CA GLN A 702 -24.22 9.39 30.84
C GLN A 702 -24.11 9.00 32.32
N MET A 703 -22.95 9.18 32.92
CA MET A 703 -22.74 8.90 34.33
C MET A 703 -23.30 10.02 35.18
N GLY A 704 -23.17 11.23 34.66
CA GLY A 704 -23.43 12.41 35.42
C GLY A 704 -22.58 12.45 36.67
N ILE A 705 -23.23 12.63 37.80
CA ILE A 705 -22.59 12.84 39.08
C ILE A 705 -21.68 11.68 39.52
N GLU A 706 -22.08 10.44 39.18
CA GLU A 706 -21.32 9.25 39.58
C GLU A 706 -19.95 9.17 38.95
N MET A 707 -19.68 10.07 38.02
CA MET A 707 -18.39 10.24 37.37
C MET A 707 -17.26 10.66 38.33
N GLN A 708 -17.61 11.25 39.47
CA GLN A 708 -16.64 11.97 40.30
C GLN A 708 -15.49 11.19 40.92
N PRO A 709 -15.71 9.89 41.22
CA PRO A 709 -14.53 9.12 41.63
C PRO A 709 -13.39 9.18 40.61
N TYR A 710 -13.75 9.23 39.32
CA TYR A 710 -12.83 8.99 38.20
C TYR A 710 -12.19 10.24 37.68
N ILE A 711 -12.74 11.38 38.05
CA ILE A 711 -12.24 12.67 37.55
C ILE A 711 -10.78 12.96 37.93
N PRO A 712 -10.38 12.67 39.18
CA PRO A 712 -8.96 12.83 39.50
C PRO A 712 -7.98 12.12 38.54
N MET A 713 -8.34 10.97 37.96
CA MET A 713 -7.38 10.18 37.15
C MET A 713 -7.16 10.69 35.71
N VAL A 714 -7.95 11.67 35.28
CA VAL A 714 -7.87 12.19 33.90
C VAL A 714 -7.55 13.68 33.82
N LEU A 715 -8.08 14.45 34.77
CA LEU A 715 -8.19 15.89 34.62
C LEU A 715 -6.87 16.62 34.46
N HIS A 716 -5.84 16.23 35.20
CA HIS A 716 -4.59 16.98 35.13
C HIS A 716 -3.95 16.77 33.76
N GLN A 717 -4.27 15.63 33.16
CA GLN A 717 -3.69 15.28 31.87
C GLN A 717 -4.43 15.98 30.74
N LEU A 718 -5.71 16.26 30.94
CA LEU A 718 -6.51 17.05 29.97
C LEU A 718 -6.09 18.52 29.99
N VAL A 719 -5.89 19.03 31.20
CA VAL A 719 -5.38 20.39 31.41
C VAL A 719 -3.98 20.52 30.82
N GLU A 720 -3.15 19.48 31.08
CA GLU A 720 -1.85 19.28 30.41
C GLU A 720 -2.00 19.52 28.89
N ILE A 721 -2.88 18.75 28.25
CA ILE A 721 -2.95 18.69 26.79
C ILE A 721 -3.41 19.99 26.14
N ILE A 722 -4.42 20.61 26.73
CA ILE A 722 -5.01 21.83 26.16
C ILE A 722 -4.07 23.04 26.25
N ASN A 723 -3.23 23.08 27.28
CA ASN A 723 -2.22 24.14 27.39
C ASN A 723 -0.96 23.86 26.59
N ARG A 724 -0.82 22.61 26.15
CA ARG A 724 0.40 22.14 25.53
C ARG A 724 0.37 22.48 24.03
N PRO A 725 1.39 23.21 23.54
CA PRO A 725 1.24 23.85 22.24
C PRO A 725 1.50 22.89 21.10
N ASN A 726 1.26 23.35 19.87
CA ASN A 726 1.37 22.51 18.67
C ASN A 726 0.65 21.19 18.79
N THR A 727 -0.60 21.28 19.24
CA THR A 727 -1.53 20.19 19.24
C THR A 727 -2.48 20.49 18.10
N PRO A 728 -2.85 19.49 17.28
CA PRO A 728 -3.72 19.82 16.14
C PRO A 728 -5.05 20.41 16.57
N LYS A 729 -5.62 21.22 15.68
CA LYS A 729 -6.85 21.91 15.98
C LYS A 729 -7.85 20.97 16.69
N THR A 730 -8.17 19.82 16.09
CA THR A 730 -9.34 19.02 16.55
C THR A 730 -9.10 18.06 17.71
N LEU A 731 -7.93 18.10 18.33
CA LEU A 731 -7.75 17.42 19.62
C LEU A 731 -8.15 18.40 20.72
N LEU A 732 -7.51 19.57 20.72
CA LEU A 732 -7.92 20.67 21.58
C LEU A 732 -9.44 20.84 21.61
N GLU A 733 -10.08 20.87 20.44
CA GLU A 733 -11.53 21.04 20.37
C GLU A 733 -12.20 19.95 21.21
N ASN A 734 -11.82 18.70 20.96
CA ASN A 734 -12.33 17.58 21.77
C ASN A 734 -11.99 17.60 23.26
N THR A 735 -10.81 18.14 23.56
CA THR A 735 -10.33 18.27 24.93
C THR A 735 -11.15 19.30 25.67
N ALA A 736 -11.25 20.49 25.09
CA ALA A 736 -12.11 21.54 25.61
C ALA A 736 -13.49 21.01 25.87
N ILE A 737 -14.08 20.42 24.83
CA ILE A 737 -15.39 19.83 24.94
C ILE A 737 -15.48 18.94 26.16
N THR A 738 -14.49 18.06 26.29
CA THR A 738 -14.59 17.02 27.31
C THR A 738 -14.47 17.60 28.71
N ILE A 739 -13.51 18.49 28.92
CA ILE A 739 -13.47 19.28 30.14
C ILE A 739 -14.86 19.91 30.46
N GLY A 740 -15.38 20.72 29.55
CA GLY A 740 -16.71 21.27 29.74
C GLY A 740 -17.69 20.22 30.22
N ARG A 741 -17.72 19.08 29.56
CA ARG A 741 -18.70 18.04 29.93
C ARG A 741 -18.47 17.39 31.29
N LEU A 742 -17.25 17.51 31.81
CA LEU A 742 -16.94 16.99 33.14
C LEU A 742 -17.46 17.98 34.17
N GLY A 743 -16.98 19.21 34.06
CA GLY A 743 -17.44 20.32 34.89
C GLY A 743 -18.95 20.50 34.85
N TYR A 744 -19.59 19.97 33.82
CA TYR A 744 -21.03 20.02 33.80
C TYR A 744 -21.62 19.12 34.87
N VAL A 745 -21.00 17.98 35.10
CA VAL A 745 -21.56 16.96 35.99
C VAL A 745 -20.84 16.87 37.35
N CYS A 746 -19.66 17.47 37.43
CA CYS A 746 -18.88 17.48 38.65
C CYS A 746 -18.14 18.79 38.70
N PRO A 747 -18.90 19.88 38.87
CA PRO A 747 -18.27 21.20 38.92
C PRO A 747 -17.36 21.35 40.11
N GLN A 748 -17.74 20.81 41.26
CA GLN A 748 -16.94 20.92 42.48
C GLN A 748 -15.48 20.53 42.29
N GLU A 749 -15.24 19.40 41.60
CA GLU A 749 -13.87 18.92 41.31
C GLU A 749 -13.20 19.61 40.14
N VAL A 750 -13.92 19.79 39.03
CA VAL A 750 -13.33 20.48 37.86
C VAL A 750 -13.18 21.99 38.08
N ALA A 751 -14.20 22.60 38.70
CA ALA A 751 -14.31 24.06 38.75
C ALA A 751 -13.09 24.78 39.27
N PRO A 752 -12.44 24.24 40.33
CA PRO A 752 -11.24 24.91 40.87
C PRO A 752 -10.08 25.02 39.89
N MET A 753 -10.02 24.16 38.89
CA MET A 753 -8.92 24.18 37.90
C MET A 753 -9.09 25.24 36.81
N LEU A 754 -10.13 26.05 36.94
CA LEU A 754 -10.64 26.83 35.82
C LEU A 754 -9.64 27.83 35.25
N GLN A 755 -8.89 28.50 36.11
CA GLN A 755 -8.02 29.56 35.64
C GLN A 755 -6.87 29.09 34.73
N GLN A 756 -6.60 27.79 34.75
CA GLN A 756 -5.49 27.22 33.97
C GLN A 756 -5.90 26.84 32.56
N PHE A 757 -7.15 26.44 32.40
CA PHE A 757 -7.66 26.02 31.10
C PHE A 757 -8.63 26.98 30.42
N ILE A 758 -9.17 27.96 31.16
CA ILE A 758 -10.17 28.85 30.58
C ILE A 758 -9.74 29.45 29.25
N ARG A 759 -8.48 29.85 29.13
CA ARG A 759 -8.06 30.63 27.96
C ARG A 759 -7.93 29.83 26.66
N PRO A 760 -7.14 28.74 26.66
CA PRO A 760 -7.02 27.98 25.43
C PRO A 760 -8.31 27.29 25.05
N TRP A 761 -9.13 26.99 26.09
CA TRP A 761 -10.50 26.44 25.98
C TRP A 761 -11.36 27.39 25.15
N CYS A 762 -11.43 28.66 25.53
CA CYS A 762 -12.23 29.65 24.79
C CYS A 762 -11.70 29.76 23.40
N THR A 763 -10.40 29.98 23.33
CA THR A 763 -9.74 30.16 22.05
C THR A 763 -10.06 29.07 21.07
N SER A 764 -10.22 27.84 21.59
CA SER A 764 -10.37 26.65 20.75
C SER A 764 -11.81 26.43 20.33
N LEU A 765 -12.75 26.65 21.24
CA LEU A 765 -14.19 26.49 20.97
C LEU A 765 -14.91 27.73 20.44
N ARG A 766 -14.30 28.92 20.50
CA ARG A 766 -14.87 30.07 19.78
C ARG A 766 -14.92 29.85 18.27
N ASN A 767 -14.28 28.77 17.81
CA ASN A 767 -14.12 28.51 16.37
C ASN A 767 -14.98 27.41 15.80
N ILE A 768 -15.81 26.74 16.61
CA ILE A 768 -16.58 25.59 16.16
C ILE A 768 -18.08 25.85 16.01
N ARG A 769 -18.73 25.08 15.14
CA ARG A 769 -20.12 25.33 14.77
C ARG A 769 -21.09 25.11 15.96
N ASP A 770 -22.05 26.02 16.14
CA ASP A 770 -23.17 25.77 17.08
C ASP A 770 -23.76 24.37 16.87
N ASN A 771 -23.47 23.45 17.76
CA ASN A 771 -24.03 22.11 17.67
C ASN A 771 -24.25 21.56 19.07
N GLU A 772 -24.37 20.24 19.22
CA GLU A 772 -24.69 19.66 20.52
C GLU A 772 -23.47 19.56 21.44
N GLU A 773 -22.30 19.30 20.89
CA GLU A 773 -21.10 19.26 21.70
C GLU A 773 -20.81 20.66 22.26
N LYS A 774 -20.86 21.67 21.41
CA LYS A 774 -20.66 23.02 21.87
C LYS A 774 -21.59 23.32 23.03
N ASP A 775 -22.86 22.95 22.88
CA ASP A 775 -23.90 23.24 23.86
C ASP A 775 -23.61 22.60 25.21
N SER A 776 -23.44 21.29 25.18
CA SER A 776 -23.12 20.53 26.37
C SER A 776 -21.84 21.00 27.06
N ALA A 777 -20.87 21.47 26.28
CA ALA A 777 -19.59 21.98 26.86
C ALA A 777 -19.73 23.36 27.46
N PHE A 778 -20.50 24.23 26.81
CA PHE A 778 -20.71 25.57 27.34
C PHE A 778 -21.60 25.57 28.55
N ARG A 779 -22.52 24.64 28.65
CA ARG A 779 -23.24 24.49 29.89
C ARG A 779 -22.26 24.26 30.99
N GLY A 780 -21.22 23.48 30.68
CA GLY A 780 -20.17 23.13 31.62
C GLY A 780 -19.47 24.36 32.13
N ILE A 781 -18.79 25.08 31.25
CA ILE A 781 -18.13 26.31 31.64
C ILE A 781 -19.04 27.23 32.48
N CYS A 782 -20.33 27.31 32.17
CA CYS A 782 -21.21 28.20 32.91
C CYS A 782 -21.39 27.76 34.35
N THR A 783 -21.63 26.46 34.53
CA THR A 783 -21.76 25.84 35.85
C THR A 783 -20.51 26.06 36.72
N MET A 784 -19.33 25.84 36.15
CA MET A 784 -18.06 26.04 36.85
C MET A 784 -17.80 27.51 37.16
N ILE A 785 -18.20 28.40 36.26
CA ILE A 785 -18.11 29.81 36.56
C ILE A 785 -19.01 30.20 37.72
N SER A 786 -20.19 29.59 37.83
CA SER A 786 -21.05 29.90 38.96
C SER A 786 -20.30 29.53 40.25
N VAL A 787 -19.53 28.44 40.22
CA VAL A 787 -18.88 27.89 41.42
C VAL A 787 -17.51 28.50 41.76
N ASN A 788 -16.73 28.87 40.76
CA ASN A 788 -15.47 29.53 40.99
C ASN A 788 -15.42 30.78 40.09
N PRO A 789 -16.23 31.79 40.44
CA PRO A 789 -16.30 32.99 39.61
C PRO A 789 -15.01 33.77 39.49
N SER A 790 -13.93 33.31 40.09
CA SER A 790 -12.69 34.08 40.05
C SER A 790 -11.68 33.49 39.06
N GLY A 791 -11.93 32.28 38.57
CA GLY A 791 -11.12 31.69 37.50
C GLY A 791 -11.16 32.58 36.25
N VAL A 792 -12.37 32.96 35.89
CA VAL A 792 -12.63 33.73 34.67
C VAL A 792 -12.31 35.23 34.71
N ILE A 793 -12.10 35.81 35.88
CA ILE A 793 -12.00 37.28 35.97
C ILE A 793 -10.72 37.79 35.35
N GLN A 794 -9.67 37.00 35.42
CA GLN A 794 -8.44 37.39 34.76
C GLN A 794 -8.61 37.43 33.24
N ASP A 795 -9.23 36.39 32.71
CA ASP A 795 -9.26 36.12 31.28
C ASP A 795 -10.70 36.26 30.77
N PHE A 796 -11.42 37.25 31.28
CA PHE A 796 -12.85 37.34 31.00
C PHE A 796 -13.13 37.74 29.57
N ILE A 797 -12.25 38.54 29.01
CA ILE A 797 -12.42 38.85 27.61
C ILE A 797 -12.42 37.58 26.72
N PHE A 798 -11.75 36.52 27.14
CA PHE A 798 -11.74 35.29 26.35
C PHE A 798 -13.11 34.62 26.35
N PHE A 799 -13.77 34.67 27.50
CA PHE A 799 -15.10 34.14 27.63
C PHE A 799 -16.12 35.00 26.89
N CYS A 800 -15.92 36.30 26.84
CA CYS A 800 -16.80 37.15 26.05
C CYS A 800 -16.78 36.77 24.59
N ASP A 801 -15.59 36.46 24.13
CA ASP A 801 -15.35 36.15 22.76
C ASP A 801 -16.03 34.84 22.39
N ALA A 802 -15.83 33.83 23.22
CA ALA A 802 -16.46 32.54 22.99
C ALA A 802 -17.98 32.64 23.01
N VAL A 803 -18.56 33.43 23.91
CA VAL A 803 -20.03 33.58 24.00
C VAL A 803 -20.62 34.30 22.80
N ALA A 804 -19.89 35.28 22.32
CA ALA A 804 -20.25 35.97 21.09
C ALA A 804 -20.10 35.12 19.83
N SER A 805 -19.50 33.94 19.93
CA SER A 805 -19.43 33.04 18.78
C SER A 805 -20.77 32.36 18.53
N TRP A 806 -21.61 32.24 19.56
CA TRP A 806 -22.95 31.67 19.38
C TRP A 806 -23.86 32.62 18.61
N ILE A 807 -24.48 32.08 17.58
CA ILE A 807 -25.42 32.79 16.72
C ILE A 807 -26.81 32.66 17.31
N ASN A 808 -27.19 31.43 17.55
CA ASN A 808 -28.50 31.17 18.08
C ASN A 808 -28.39 30.04 19.06
N PRO A 809 -28.14 30.38 20.32
CA PRO A 809 -28.07 29.41 21.38
C PRO A 809 -29.45 29.11 21.94
N LYS A 810 -29.60 27.89 22.48
CA LYS A 810 -30.75 27.56 23.30
C LYS A 810 -30.97 28.65 24.36
N ASP A 811 -32.23 28.84 24.76
CA ASP A 811 -32.60 29.96 25.61
C ASP A 811 -32.06 29.88 27.01
N ASP A 812 -32.13 28.69 27.61
CA ASP A 812 -31.54 28.48 28.94
C ASP A 812 -30.08 28.87 28.93
N LEU A 813 -29.36 28.44 27.89
CA LEU A 813 -27.93 28.69 27.74
C LEU A 813 -27.70 30.17 27.50
N ARG A 814 -28.62 30.78 26.78
CA ARG A 814 -28.57 32.19 26.53
C ARG A 814 -28.78 32.99 27.81
N ASP A 815 -29.68 32.54 28.68
CA ASP A 815 -29.88 33.20 29.98
C ASP A 815 -28.67 32.95 30.87
N MET A 816 -28.00 31.81 30.71
CA MET A 816 -26.82 31.52 31.52
C MET A 816 -25.75 32.52 31.17
N PHE A 817 -25.53 32.77 29.89
CA PHE A 817 -24.49 33.72 29.51
C PHE A 817 -24.95 35.07 30.00
N CYS A 818 -26.25 35.30 29.89
CA CYS A 818 -26.75 36.62 30.20
C CYS A 818 -26.39 36.92 31.64
N LYS A 819 -26.61 35.96 32.53
CA LYS A 819 -26.42 36.21 33.98
C LYS A 819 -24.97 36.48 34.31
N ILE A 820 -24.09 35.69 33.70
CA ILE A 820 -22.65 35.84 33.82
C ILE A 820 -22.21 37.25 33.34
N LEU A 821 -22.45 37.57 32.08
CA LEU A 821 -22.09 38.89 31.54
C LEU A 821 -22.48 40.11 32.39
N HIS A 822 -23.73 40.12 32.86
CA HIS A 822 -24.21 41.18 33.74
C HIS A 822 -23.70 41.04 35.15
N GLY A 823 -23.58 39.81 35.62
CA GLY A 823 -22.89 39.59 36.88
C GLY A 823 -21.57 40.34 36.94
N PHE A 824 -20.87 40.35 35.83
CA PHE A 824 -19.56 40.97 35.77
C PHE A 824 -19.72 42.46 35.59
N LYS A 825 -20.49 42.88 34.61
CA LYS A 825 -20.72 44.30 34.45
C LYS A 825 -21.19 44.99 35.76
N ASN A 826 -21.86 44.25 36.64
CA ASN A 826 -22.28 44.83 37.91
C ASN A 826 -21.21 44.87 38.95
N GLN A 827 -20.42 43.81 38.98
CA GLN A 827 -19.27 43.73 39.85
C GLN A 827 -18.34 44.94 39.60
N VAL A 828 -17.93 45.15 38.35
CA VAL A 828 -16.99 46.21 37.97
C VAL A 828 -17.59 47.60 37.77
N GLY A 829 -18.90 47.72 37.68
CA GLY A 829 -19.52 49.04 37.45
C GLY A 829 -19.53 49.49 35.99
N ASP A 830 -20.41 50.44 35.68
CA ASP A 830 -20.63 50.87 34.31
C ASP A 830 -19.39 51.47 33.67
N GLU A 831 -18.66 52.29 34.40
CA GLU A 831 -17.50 52.98 33.79
C GLU A 831 -16.34 52.04 33.52
N ASN A 832 -16.11 51.07 34.40
CA ASN A 832 -15.13 50.03 34.12
C ASN A 832 -15.53 49.15 32.95
N TRP A 833 -16.78 48.74 32.92
CA TRP A 833 -17.27 47.92 31.82
C TRP A 833 -17.12 48.59 30.49
N ARG A 834 -17.58 49.82 30.36
CA ARG A 834 -17.48 50.51 29.09
C ARG A 834 -16.02 50.43 28.63
N ARG A 835 -15.08 50.85 29.46
CA ARG A 835 -13.63 50.79 29.13
C ARG A 835 -13.12 49.40 28.75
N PHE A 836 -13.60 48.37 29.45
CA PHE A 836 -13.29 46.96 29.13
C PHE A 836 -13.68 46.62 27.70
N SER A 837 -14.94 46.92 27.35
CA SER A 837 -15.52 46.60 26.05
C SER A 837 -15.04 47.50 24.89
N ASP A 838 -14.22 48.50 25.18
CA ASP A 838 -13.65 49.31 24.12
C ASP A 838 -12.53 48.56 23.44
N GLN A 839 -12.00 47.56 24.13
CA GLN A 839 -11.03 46.67 23.52
C GLN A 839 -11.71 45.47 22.81
N PHE A 840 -13.01 45.60 22.53
CA PHE A 840 -13.72 44.61 21.75
C PHE A 840 -13.75 45.05 20.30
N PRO A 841 -13.56 44.10 19.37
CA PRO A 841 -13.90 44.38 17.97
C PRO A 841 -15.37 44.74 17.79
N LEU A 842 -15.67 45.70 16.93
CA LEU A 842 -17.05 46.10 16.67
C LEU A 842 -18.08 44.96 16.61
N PRO A 843 -17.91 43.98 15.70
CA PRO A 843 -18.92 42.91 15.62
C PRO A 843 -19.24 42.23 16.97
N LEU A 844 -18.22 41.93 17.76
CA LEU A 844 -18.37 41.38 19.11
C LEU A 844 -19.07 42.35 20.10
N LYS A 845 -18.47 43.51 20.38
CA LYS A 845 -19.12 44.53 21.20
C LYS A 845 -20.60 44.63 20.89
N GLU A 846 -20.93 44.87 19.62
CA GLU A 846 -22.32 45.07 19.19
C GLU A 846 -23.20 43.83 19.39
N ARG A 847 -22.64 42.64 19.14
CA ARG A 847 -23.37 41.41 19.39
C ARG A 847 -23.81 41.29 20.85
N LEU A 848 -22.88 41.47 21.77
CA LEU A 848 -23.17 41.35 23.20
C LEU A 848 -24.15 42.42 23.64
N ALA A 849 -23.93 43.65 23.21
CA ALA A 849 -24.82 44.76 23.59
C ALA A 849 -26.26 44.54 23.11
N ALA A 850 -26.43 43.90 21.97
CA ALA A 850 -27.75 43.72 21.38
C ALA A 850 -28.39 42.44 21.87
N PHE A 851 -27.64 41.37 21.87
CA PHE A 851 -28.17 40.05 22.16
C PHE A 851 -28.37 39.81 23.67
N TYR A 852 -27.36 40.11 24.51
CA TYR A 852 -27.44 39.84 25.97
C TYR A 852 -27.64 41.13 26.77
N GLY A 853 -27.77 42.25 26.07
CA GLY A 853 -28.43 43.42 26.65
C GLY A 853 -27.51 44.25 27.47
N VAL A 854 -26.26 43.92 27.31
CA VAL A 854 -25.29 44.28 28.28
C VAL A 854 -24.71 45.63 27.91
N THR B 30 -5.98 -0.70 -5.32
CA THR B 30 -6.36 -1.95 -6.05
C THR B 30 -7.30 -1.80 -7.30
N ARG B 31 -7.39 -0.58 -7.84
CA ARG B 31 -8.12 -0.29 -9.09
C ARG B 31 -7.21 -0.46 -10.32
N PHE B 32 -7.74 -0.13 -11.49
CA PHE B 32 -6.99 -0.25 -12.75
C PHE B 32 -5.99 0.92 -12.78
N ASN B 33 -4.74 0.57 -13.09
CA ASN B 33 -3.63 1.52 -13.24
C ASN B 33 -2.60 0.94 -14.22
N PRO B 34 -2.56 1.46 -15.48
CA PRO B 34 -1.64 0.98 -16.53
C PRO B 34 -0.21 1.50 -16.36
N LEU B 35 0.01 2.33 -15.33
CA LEU B 35 1.35 2.79 -14.98
C LEU B 35 2.05 1.99 -13.83
N ALA B 36 1.43 0.89 -13.35
CA ALA B 36 1.93 0.14 -12.17
C ALA B 36 1.54 -1.32 -12.13
#